data_3I7F
#
_entry.id   3I7F
#
_cell.length_a   247.848
_cell.length_b   247.848
_cell.length_c   56.295
_cell.angle_alpha   90.000
_cell.angle_beta   90.000
_cell.angle_gamma   120.000
#
_symmetry.space_group_name_H-M   'H 3'
#
loop_
_entity.id
_entity.type
_entity.pdbx_description
1 polymer 'Aspartyl-tRNA synthetase'
2 water water
#
_entity_poly.entity_id   1
_entity_poly.type   'polypeptide(L)'
_entity_poly.pdbx_seq_one_letter_code
;GPGSMAATQEKKPQLPPVVLLKTPELVSGENFKVMPMHQSQPCYKTGLKYTEIEELVPAMAEKTVTIRARVQAVRGKGNM
VFLFLRKGIYTCQALVMKSETISKEFVQFCQKISAESICDITGIVKAVEKPIEKATQQDVEIHVTSIAVVSLAEYPLPMQ
IEDLTFPSSVFKKQEEDIAKVDEKIAKFLKDNEGKDLTKRPLKDEYAKLLKEKASAQKYVKVSQDTRLDNRMLDLRTVTN
IAIFRIQSACCGLFREFLTSQKFVEIHTPKLIGCSSEGGSNIFEVKYFDRKAYLAQSPQLYKQMAIMGDFRKVFEVGPVF
RAENSNTRRHLTEFEGLDIEMEIVENYHECIDVMEKLFTFIFDEIPKRFPDELKVIRKQYPFEDLIYRPFLRLTYKEAIE
MLRASGETIGDYDDFTTPQEVKLGELIKAKYNTDFYILDKFPAAIRPFYTMPDIDDPNYSNSYDVFVRGQEITSGAQRIH
DPEFLMKRCIEKGVDPATLKDYIESFRFGSWPHAGCGIGLERITMLYLGIPNIRKVTLFPRDPIRLNP
;
_entity_poly.pdbx_strand_id   A,B
#
# COMPACT_ATOMS: atom_id res chain seq x y z
N GLN A 14 -15.94 -32.73 -15.09
CA GLN A 14 -14.48 -32.98 -15.23
C GLN A 14 -13.74 -32.34 -14.06
N LEU A 15 -13.87 -32.97 -12.90
CA LEU A 15 -13.39 -32.46 -11.61
C LEU A 15 -11.98 -32.99 -11.26
N PRO A 16 -10.93 -32.15 -11.40
CA PRO A 16 -9.59 -32.72 -11.26
C PRO A 16 -9.21 -32.85 -9.80
N PRO A 17 -9.09 -34.10 -9.30
CA PRO A 17 -8.76 -34.26 -7.88
C PRO A 17 -7.38 -33.77 -7.55
N VAL A 18 -7.15 -33.54 -6.27
CA VAL A 18 -5.82 -33.22 -5.76
C VAL A 18 -4.94 -34.46 -5.85
N VAL A 19 -3.70 -34.30 -6.30
CA VAL A 19 -2.74 -35.38 -6.33
C VAL A 19 -1.78 -35.24 -5.14
N LEU A 20 -1.46 -36.33 -4.47
CA LEU A 20 -0.49 -36.29 -3.36
C LEU A 20 0.58 -37.33 -3.57
N LEU A 21 1.79 -36.86 -3.86
CA LEU A 21 2.92 -37.70 -4.17
C LEU A 21 3.50 -38.32 -2.89
N LYS A 22 4.50 -39.16 -3.06
CA LYS A 22 5.03 -39.95 -1.94
C LYS A 22 6.13 -39.20 -1.22
N THR A 23 6.29 -39.44 0.08
CA THR A 23 7.44 -38.91 0.83
C THR A 23 8.33 -40.08 1.23
N PRO A 24 9.60 -39.82 1.50
CA PRO A 24 10.50 -40.92 1.85
C PRO A 24 10.19 -41.57 3.20
N GLU A 25 10.57 -42.83 3.34
CA GLU A 25 10.37 -43.58 4.58
C GLU A 25 11.68 -43.62 5.38
N LEU A 26 11.89 -42.65 6.23
CA LEU A 26 13.11 -42.58 7.02
C LEU A 26 12.94 -43.44 8.28
N VAL A 27 14.02 -44.04 8.77
CA VAL A 27 14.01 -44.69 10.07
C VAL A 27 14.72 -43.76 11.06
N SER A 28 13.92 -43.15 11.93
CA SER A 28 14.39 -42.15 12.90
C SER A 28 15.18 -42.76 14.06
N GLY A 29 16.00 -41.94 14.69
CA GLY A 29 16.83 -42.35 15.86
C GLY A 29 16.90 -41.19 16.83
N GLU A 30 17.89 -41.23 17.72
CA GLU A 30 18.00 -40.28 18.84
C GLU A 30 18.28 -38.87 18.34
N ASN A 31 19.32 -38.74 17.50
CA ASN A 31 19.80 -37.46 16.96
C ASN A 31 19.43 -37.23 15.49
N PHE A 32 18.53 -38.03 14.96
CA PHE A 32 18.12 -37.88 13.57
C PHE A 32 16.69 -38.39 13.51
N LYS A 33 15.73 -37.45 13.52
CA LYS A 33 14.30 -37.80 13.59
C LYS A 33 13.41 -36.93 12.72
N VAL A 34 12.29 -37.49 12.30
CA VAL A 34 11.27 -36.71 11.68
C VAL A 34 10.35 -36.24 12.79
N MET A 35 10.25 -34.93 12.96
CA MET A 35 9.42 -34.34 14.00
C MET A 35 7.96 -34.60 13.66
N PRO A 36 7.10 -34.57 14.67
CA PRO A 36 5.68 -34.61 14.43
C PRO A 36 5.23 -33.31 13.85
N MET A 37 4.07 -33.30 13.18
CA MET A 37 3.56 -32.07 12.58
C MET A 37 3.53 -30.97 13.62
N HIS A 38 4.07 -29.82 13.24
CA HIS A 38 4.17 -28.64 14.10
C HIS A 38 2.79 -28.11 14.41
N GLN A 39 2.38 -28.21 15.68
CA GLN A 39 1.13 -27.58 16.17
C GLN A 39 1.41 -26.60 17.31
N SER A 40 2.60 -26.01 17.30
CA SER A 40 3.04 -25.08 18.34
C SER A 40 2.97 -25.68 19.74
N GLN A 41 3.73 -26.74 19.93
CA GLN A 41 3.60 -27.68 21.02
C GLN A 41 4.94 -27.81 21.72
N PRO A 42 4.94 -28.28 22.98
CA PRO A 42 6.11 -28.25 23.80
C PRO A 42 7.34 -28.88 23.17
N CYS A 43 7.20 -29.99 22.46
CA CYS A 43 8.37 -30.66 21.86
C CYS A 43 9.14 -29.80 20.88
N TYR A 44 8.50 -28.80 20.30
CA TYR A 44 9.20 -27.83 19.45
C TYR A 44 9.81 -26.66 20.27
N LYS A 45 9.66 -26.64 21.60
CA LYS A 45 10.19 -25.56 22.43
C LYS A 45 11.55 -25.98 22.93
N THR A 46 12.51 -25.93 22.03
CA THR A 46 13.87 -26.35 22.33
C THR A 46 14.61 -25.39 23.28
N GLY A 47 14.32 -24.09 23.19
CA GLY A 47 15.10 -23.10 23.93
C GLY A 47 16.52 -22.90 23.36
N LEU A 48 16.79 -23.46 22.17
CA LEU A 48 18.03 -23.20 21.44
C LEU A 48 18.06 -21.81 20.81
N LYS A 49 19.24 -21.39 20.34
CA LYS A 49 19.40 -20.16 19.56
C LYS A 49 19.60 -20.53 18.10
N TYR A 50 18.66 -20.12 17.25
CA TYR A 50 18.76 -20.37 15.83
C TYR A 50 19.70 -19.35 15.21
N THR A 51 20.70 -19.84 14.49
CA THR A 51 21.68 -19.02 13.81
C THR A 51 21.34 -18.87 12.32
N GLU A 52 21.42 -17.65 11.81
CA GLU A 52 21.09 -17.38 10.42
C GLU A 52 22.32 -17.72 9.55
N ILE A 53 22.10 -18.25 8.34
CA ILE A 53 23.17 -18.80 7.48
C ILE A 53 24.23 -17.77 7.11
N GLU A 54 23.78 -16.58 6.76
CA GLU A 54 24.63 -15.39 6.57
C GLU A 54 25.58 -15.06 7.72
N GLU A 55 25.31 -15.61 8.91
CA GLU A 55 26.19 -15.39 10.06
C GLU A 55 27.29 -16.42 10.13
N LEU A 56 27.13 -17.52 9.40
CA LEU A 56 28.15 -18.57 9.31
C LEU A 56 29.33 -18.03 8.53
N VAL A 57 30.42 -17.82 9.26
CA VAL A 57 31.53 -17.02 8.79
C VAL A 57 32.77 -17.46 9.59
N PRO A 58 33.97 -17.30 9.02
CA PRO A 58 35.14 -17.86 9.71
C PRO A 58 35.26 -17.39 11.16
N ALA A 59 34.65 -16.23 11.46
CA ALA A 59 34.53 -15.71 12.83
C ALA A 59 34.11 -16.75 13.87
N MET A 60 33.34 -17.75 13.49
CA MET A 60 32.79 -18.65 14.50
C MET A 60 33.05 -20.10 14.23
N ALA A 61 34.28 -20.40 13.81
CA ALA A 61 34.73 -21.77 13.72
C ALA A 61 34.72 -22.35 15.13
N GLU A 62 34.41 -23.65 15.22
CA GLU A 62 34.38 -24.40 16.49
C GLU A 62 33.25 -24.05 17.47
N LYS A 63 32.40 -23.08 17.12
CA LYS A 63 31.15 -22.84 17.87
C LYS A 63 30.15 -23.82 17.32
N THR A 64 29.14 -24.17 18.11
CA THR A 64 28.05 -25.03 17.61
C THR A 64 26.80 -24.21 17.31
N VAL A 65 26.08 -24.62 16.29
CA VAL A 65 24.94 -23.88 15.78
C VAL A 65 23.87 -24.83 15.39
N THR A 66 22.67 -24.29 15.28
CA THR A 66 21.56 -25.05 14.79
C THR A 66 20.82 -24.07 13.92
N ILE A 67 20.39 -24.54 12.74
CA ILE A 67 19.78 -23.64 11.78
C ILE A 67 18.69 -24.30 11.00
N ARG A 68 17.57 -23.61 10.88
CA ARG A 68 16.44 -24.14 10.17
C ARG A 68 16.51 -23.68 8.73
N ALA A 69 16.84 -24.62 7.85
CA ALA A 69 16.96 -24.33 6.44
C ALA A 69 16.37 -25.42 5.54
N ARG A 70 16.36 -25.14 4.23
CA ARG A 70 15.95 -26.08 3.22
C ARG A 70 17.14 -26.98 2.89
N VAL A 71 16.94 -28.28 2.80
CA VAL A 71 17.94 -29.16 2.26
C VAL A 71 17.72 -29.15 0.73
N GLN A 72 18.39 -28.23 0.04
CA GLN A 72 18.28 -28.14 -1.42
C GLN A 72 18.82 -29.41 -2.11
N ALA A 73 19.90 -29.97 -1.58
CA ALA A 73 20.56 -31.08 -2.29
C ALA A 73 21.33 -32.00 -1.38
N VAL A 74 21.34 -33.28 -1.76
CA VAL A 74 21.99 -34.33 -0.98
C VAL A 74 22.93 -35.10 -1.88
N ARG A 75 24.22 -34.82 -1.77
CA ARG A 75 25.23 -35.66 -2.44
C ARG A 75 25.81 -36.57 -1.38
N GLY A 76 25.96 -37.85 -1.72
CA GLY A 76 26.16 -38.88 -0.69
C GLY A 76 27.15 -39.94 -1.11
N LYS A 77 27.87 -40.46 -0.12
CA LYS A 77 29.14 -41.17 -0.37
C LYS A 77 29.32 -42.43 0.50
N GLY A 78 28.22 -42.99 1.00
CA GLY A 78 28.29 -44.10 1.93
C GLY A 78 28.61 -43.56 3.32
N ASN A 79 29.90 -43.37 3.62
CA ASN A 79 30.30 -42.84 4.92
C ASN A 79 30.16 -41.31 5.10
N MET A 80 29.97 -40.58 4.02
CA MET A 80 29.85 -39.12 4.07
C MET A 80 28.66 -38.64 3.27
N VAL A 81 27.84 -37.78 3.87
CA VAL A 81 26.75 -37.14 3.16
C VAL A 81 26.86 -35.62 3.19
N PHE A 82 26.91 -35.01 2.01
CA PHE A 82 26.95 -33.57 1.92
C PHE A 82 25.56 -33.02 1.67
N LEU A 83 25.09 -32.18 2.60
CA LEU A 83 23.81 -31.50 2.49
C LEU A 83 24.03 -30.07 2.01
N PHE A 84 23.40 -29.68 0.92
CA PHE A 84 23.45 -28.30 0.45
C PHE A 84 22.27 -27.58 1.07
N LEU A 85 22.52 -26.63 1.95
CA LEU A 85 21.44 -25.92 2.62
C LEU A 85 21.16 -24.54 1.96
N ARG A 86 19.88 -24.17 1.88
CA ARG A 86 19.48 -22.85 1.41
C ARG A 86 18.49 -22.25 2.37
N LYS A 87 18.47 -20.92 2.40
CA LYS A 87 17.55 -20.17 3.22
C LYS A 87 17.56 -18.74 2.73
N GLY A 88 16.49 -18.31 2.08
CA GLY A 88 16.46 -17.01 1.47
C GLY A 88 17.51 -16.95 0.40
N ILE A 89 18.28 -15.87 0.36
CA ILE A 89 19.30 -15.70 -0.66
C ILE A 89 20.64 -16.36 -0.30
N TYR A 90 20.75 -16.95 0.88
CA TYR A 90 21.99 -17.56 1.35
C TYR A 90 22.00 -19.10 1.32
N THR A 91 23.19 -19.67 1.11
CA THR A 91 23.38 -21.10 1.03
C THR A 91 24.69 -21.48 1.68
N CYS A 92 24.74 -22.70 2.22
CA CYS A 92 25.96 -23.23 2.82
C CYS A 92 25.99 -24.75 2.72
N GLN A 93 27.08 -25.32 3.20
CA GLN A 93 27.29 -26.77 3.15
C GLN A 93 27.35 -27.43 4.54
N ALA A 94 26.68 -28.57 4.66
CA ALA A 94 26.65 -29.33 5.89
C ALA A 94 27.23 -30.68 5.59
N LEU A 95 27.99 -31.24 6.52
CA LEU A 95 28.64 -32.53 6.32
C LEU A 95 28.28 -33.52 7.44
N VAL A 96 27.64 -34.61 7.06
CA VAL A 96 27.38 -35.72 7.96
C VAL A 96 28.44 -36.76 7.68
N MET A 97 29.21 -37.14 8.70
CA MET A 97 30.24 -38.16 8.54
C MET A 97 30.13 -39.23 9.62
N LYS A 98 30.15 -40.49 9.19
CA LYS A 98 30.13 -41.62 10.12
C LYS A 98 31.27 -41.53 11.14
N SER A 99 31.00 -41.93 12.38
CA SER A 99 31.98 -41.85 13.47
C SER A 99 31.56 -42.67 14.70
N GLU A 100 32.29 -42.53 15.81
CA GLU A 100 31.86 -43.05 17.12
C GLU A 100 30.50 -42.47 17.56
N THR A 101 30.15 -41.29 17.07
CA THR A 101 28.99 -40.56 17.55
C THR A 101 27.93 -40.29 16.48
N ILE A 102 28.23 -40.69 15.24
CA ILE A 102 27.31 -40.57 14.12
C ILE A 102 27.32 -41.92 13.43
N SER A 103 26.14 -42.56 13.37
CA SER A 103 26.06 -43.97 13.02
C SER A 103 25.66 -44.22 11.57
N LYS A 104 25.84 -45.47 11.13
CA LYS A 104 25.37 -45.92 9.81
C LYS A 104 23.93 -45.51 9.57
N GLU A 105 23.10 -45.65 10.60
CA GLU A 105 21.69 -45.33 10.54
C GLU A 105 21.47 -43.84 10.43
N PHE A 106 22.35 -43.07 11.05
CA PHE A 106 22.33 -41.59 10.94
C PHE A 106 22.60 -41.18 9.50
N VAL A 107 23.65 -41.75 8.93
CA VAL A 107 24.00 -41.42 7.56
C VAL A 107 22.91 -41.79 6.60
N GLN A 108 22.38 -43.02 6.68
CA GLN A 108 21.39 -43.43 5.68
C GLN A 108 20.04 -42.71 5.84
N PHE A 109 19.78 -42.19 7.04
CA PHE A 109 18.64 -41.29 7.24
C PHE A 109 18.82 -40.06 6.39
N CYS A 110 19.99 -39.45 6.50
CA CYS A 110 20.33 -38.21 5.80
C CYS A 110 20.38 -38.37 4.29
N GLN A 111 20.94 -39.48 3.83
CA GLN A 111 20.98 -39.75 2.39
C GLN A 111 19.58 -39.88 1.79
N LYS A 112 18.60 -40.27 2.60
CA LYS A 112 17.22 -40.44 2.13
C LYS A 112 16.30 -39.20 2.31
N ILE A 113 16.84 -38.09 2.79
CA ILE A 113 16.03 -36.86 2.87
C ILE A 113 15.76 -36.35 1.47
N SER A 114 14.49 -36.06 1.18
CA SER A 114 14.08 -35.57 -0.11
C SER A 114 14.39 -34.10 -0.26
N ALA A 115 14.66 -33.68 -1.50
CA ALA A 115 15.02 -32.29 -1.82
C ALA A 115 13.96 -31.31 -1.37
N GLU A 116 14.39 -30.19 -0.79
CA GLU A 116 13.51 -29.12 -0.28
C GLU A 116 12.85 -29.37 1.11
N SER A 117 13.24 -30.46 1.78
CA SER A 117 12.73 -30.74 3.11
C SER A 117 13.28 -29.67 4.00
N ILE A 118 12.46 -29.19 4.93
CA ILE A 118 12.90 -28.20 5.90
C ILE A 118 13.45 -28.91 7.13
N CYS A 119 14.66 -28.55 7.54
CA CYS A 119 15.34 -29.24 8.63
C CYS A 119 15.93 -28.31 9.65
N ASP A 120 16.10 -28.81 10.86
CA ASP A 120 16.87 -28.10 11.85
C ASP A 120 18.15 -28.86 11.99
N ILE A 121 19.25 -28.24 11.59
CA ILE A 121 20.56 -28.93 11.61
C ILE A 121 21.48 -28.35 12.66
N THR A 122 21.86 -29.18 13.63
CA THR A 122 22.85 -28.79 14.64
C THR A 122 24.20 -29.32 14.22
N GLY A 123 25.23 -28.52 14.41
CA GLY A 123 26.59 -28.98 14.21
C GLY A 123 27.59 -27.99 14.72
N ILE A 124 28.87 -28.35 14.61
CA ILE A 124 29.99 -27.45 14.89
C ILE A 124 30.48 -26.82 13.59
N VAL A 125 30.57 -25.49 13.55
CA VAL A 125 31.08 -24.79 12.38
C VAL A 125 32.58 -24.99 12.33
N LYS A 126 33.05 -25.69 11.30
CA LYS A 126 34.48 -25.90 11.10
C LYS A 126 34.97 -25.22 9.81
N ALA A 127 36.20 -24.73 9.83
CA ALA A 127 36.78 -24.01 8.68
C ALA A 127 37.08 -24.95 7.51
N VAL A 128 37.19 -24.37 6.32
CA VAL A 128 37.56 -25.12 5.13
C VAL A 128 38.70 -24.41 4.38
N GLU A 129 39.88 -25.02 4.36
CA GLU A 129 41.04 -24.42 3.65
C GLU A 129 40.76 -24.23 2.16
N LYS A 130 39.95 -25.13 1.60
CA LYS A 130 39.52 -25.07 0.20
C LYS A 130 38.11 -24.51 0.13
N PRO A 131 37.89 -23.41 -0.59
CA PRO A 131 36.59 -22.74 -0.59
C PRO A 131 35.48 -23.53 -1.29
N ILE A 132 34.23 -23.28 -0.91
CA ILE A 132 33.08 -24.03 -1.44
C ILE A 132 32.35 -23.16 -2.46
N GLU A 133 32.80 -23.22 -3.71
CA GLU A 133 32.40 -22.25 -4.76
C GLU A 133 30.89 -22.14 -5.00
N LYS A 134 30.12 -23.20 -4.78
CA LYS A 134 28.67 -23.14 -5.03
C LYS A 134 27.85 -22.43 -3.93
N ALA A 135 28.41 -22.31 -2.74
CA ALA A 135 27.69 -21.72 -1.61
C ALA A 135 28.01 -20.23 -1.49
N THR A 136 27.08 -19.47 -0.91
CA THR A 136 27.37 -18.06 -0.59
C THR A 136 28.36 -17.97 0.58
N GLN A 137 28.19 -18.85 1.58
CA GLN A 137 29.16 -19.03 2.67
C GLN A 137 30.26 -20.01 2.23
N GLN A 138 31.33 -19.49 1.66
CA GLN A 138 32.32 -20.29 0.96
C GLN A 138 33.45 -20.79 1.82
N ASP A 139 33.69 -20.11 2.94
CA ASP A 139 34.91 -20.32 3.71
C ASP A 139 34.68 -21.12 5.00
N VAL A 140 33.56 -21.81 5.09
CA VAL A 140 33.16 -22.48 6.33
C VAL A 140 32.12 -23.54 6.02
N GLU A 141 32.16 -24.68 6.72
CA GLU A 141 31.04 -25.67 6.63
C GLU A 141 30.67 -26.28 7.98
N ILE A 142 29.45 -26.81 8.06
CA ILE A 142 28.90 -27.39 9.29
C ILE A 142 29.16 -28.89 9.38
N HIS A 143 29.81 -29.33 10.44
CA HIS A 143 29.91 -30.75 10.75
C HIS A 143 28.72 -31.08 11.62
N VAL A 144 27.81 -31.89 11.10
CA VAL A 144 26.55 -32.17 11.78
C VAL A 144 26.73 -33.09 12.97
N THR A 145 25.97 -32.81 14.03
CA THR A 145 25.88 -33.66 15.22
C THR A 145 24.46 -34.11 15.49
N SER A 146 23.51 -33.48 14.81
CA SER A 146 22.10 -33.82 14.99
C SER A 146 21.31 -33.23 13.86
N ILE A 147 20.18 -33.86 13.54
CA ILE A 147 19.25 -33.36 12.53
C ILE A 147 17.82 -33.70 12.95
N ALA A 148 16.88 -32.84 12.56
CA ALA A 148 15.46 -33.02 12.86
C ALA A 148 14.67 -32.52 11.66
N VAL A 149 13.92 -33.38 10.99
CA VAL A 149 13.13 -32.94 9.86
C VAL A 149 11.83 -32.32 10.34
N VAL A 150 11.64 -31.06 10.01
CA VAL A 150 10.47 -30.31 10.41
C VAL A 150 9.31 -30.53 9.44
N SER A 151 9.61 -30.50 8.15
CA SER A 151 8.62 -30.78 7.13
C SER A 151 9.30 -31.51 6.01
N LEU A 152 8.93 -32.78 5.87
CA LEU A 152 9.57 -33.67 4.93
C LEU A 152 8.93 -33.49 3.58
N ALA A 153 9.74 -33.25 2.56
CA ALA A 153 9.22 -32.94 1.22
C ALA A 153 8.74 -34.19 0.50
N GLU A 154 7.71 -34.03 -0.34
CA GLU A 154 7.33 -35.07 -1.32
C GLU A 154 8.34 -35.13 -2.48
N TYR A 155 8.24 -36.16 -3.32
CA TYR A 155 9.15 -36.34 -4.46
C TYR A 155 8.44 -37.10 -5.56
N PRO A 156 8.85 -36.89 -6.83
CA PRO A 156 9.91 -36.01 -7.30
C PRO A 156 9.42 -34.61 -7.51
N LEU A 157 10.31 -33.64 -7.39
CA LEU A 157 9.92 -32.28 -7.58
C LEU A 157 9.53 -32.14 -9.03
N PRO A 158 8.61 -31.24 -9.34
CA PRO A 158 8.42 -31.00 -10.77
C PRO A 158 9.64 -30.37 -11.46
N MET A 159 10.45 -29.61 -10.74
CA MET A 159 11.57 -28.89 -11.35
C MET A 159 12.70 -28.86 -10.34
N GLN A 160 13.93 -28.97 -10.84
CA GLN A 160 15.12 -28.71 -10.03
C GLN A 160 15.37 -27.22 -9.88
N ILE A 161 15.74 -26.81 -8.68
CA ILE A 161 16.02 -25.41 -8.37
C ILE A 161 17.28 -24.92 -9.05
N GLU A 162 18.31 -25.76 -8.99
CA GLU A 162 19.58 -25.50 -9.66
C GLU A 162 19.37 -25.03 -11.11
N ASP A 163 18.65 -25.79 -11.93
CA ASP A 163 18.47 -25.37 -13.35
C ASP A 163 17.31 -24.39 -13.58
N LEU A 164 16.77 -23.89 -12.50
CA LEU A 164 15.89 -22.76 -12.52
C LEU A 164 16.69 -21.49 -12.33
N THR A 165 17.89 -21.60 -11.75
CA THR A 165 18.73 -20.45 -11.35
C THR A 165 19.89 -20.12 -12.32
N PHE A 166 20.11 -20.96 -13.35
CA PHE A 166 21.20 -20.73 -14.29
C PHE A 166 20.99 -19.48 -15.12
N PRO A 167 22.08 -18.73 -15.36
CA PRO A 167 22.02 -17.58 -16.24
C PRO A 167 22.05 -18.05 -17.68
N SER A 168 21.42 -17.30 -18.58
CA SER A 168 21.44 -17.65 -20.01
C SER A 168 22.82 -18.03 -20.55
N SER A 169 23.87 -17.40 -20.04
CA SER A 169 25.23 -17.61 -20.55
C SER A 169 25.67 -19.07 -20.56
N VAL A 170 25.38 -19.77 -19.46
CA VAL A 170 25.54 -21.22 -19.41
C VAL A 170 24.81 -21.86 -20.60
N PHE A 171 23.60 -21.35 -20.87
CA PHE A 171 22.79 -21.83 -22.02
C PHE A 171 23.24 -21.32 -23.39
N LYS A 172 23.87 -20.14 -23.48
CA LYS A 172 24.42 -19.70 -24.77
C LYS A 172 25.58 -20.61 -25.17
N LYS A 173 26.54 -20.76 -24.25
CA LYS A 173 27.67 -21.67 -24.40
C LYS A 173 27.23 -23.15 -24.56
N GLN A 174 26.05 -23.50 -24.07
CA GLN A 174 25.52 -24.83 -24.23
C GLN A 174 25.08 -25.10 -25.68
N GLU A 175 24.14 -24.29 -26.16
CA GLU A 175 23.56 -24.53 -27.49
C GLU A 175 24.58 -24.29 -28.63
N GLU A 176 25.60 -23.48 -28.36
CA GLU A 176 26.68 -23.24 -29.34
C GLU A 176 27.72 -24.36 -29.33
N ASP A 177 27.93 -24.98 -28.16
CA ASP A 177 28.72 -26.22 -28.06
C ASP A 177 28.09 -27.34 -28.87
N ILE A 178 26.79 -27.23 -29.13
CA ILE A 178 26.10 -28.10 -30.08
C ILE A 178 26.26 -27.56 -31.51
N ALA A 179 27.50 -27.25 -31.88
CA ALA A 179 27.89 -27.07 -33.26
C ALA A 179 28.20 -28.44 -33.85
N LYS A 180 28.59 -29.38 -32.98
CA LYS A 180 28.79 -30.78 -33.37
C LYS A 180 27.73 -31.23 -34.39
N VAL A 181 28.15 -31.37 -35.66
CA VAL A 181 27.24 -31.70 -36.77
C VAL A 181 27.97 -32.47 -37.87
N LYS A 213 28.24 -41.71 -32.45
CA LYS A 213 28.52 -40.48 -31.71
C LYS A 213 27.35 -40.13 -30.78
N ALA A 214 27.65 -39.35 -29.75
CA ALA A 214 26.65 -38.90 -28.77
C ALA A 214 27.01 -37.49 -28.30
N SER A 215 26.33 -36.49 -28.86
CA SER A 215 26.54 -35.10 -28.47
C SER A 215 25.95 -34.87 -27.08
N ALA A 216 26.62 -35.41 -26.06
CA ALA A 216 26.16 -35.33 -24.68
C ALA A 216 26.91 -34.19 -23.98
N GLN A 217 26.27 -33.04 -23.79
CA GLN A 217 24.81 -32.90 -23.95
C GLN A 217 24.30 -31.48 -23.79
N LYS A 218 24.91 -30.73 -22.87
CA LYS A 218 24.35 -29.46 -22.41
C LYS A 218 23.14 -29.74 -21.52
N TYR A 219 22.53 -28.70 -20.97
CA TYR A 219 21.42 -28.83 -20.01
C TYR A 219 20.19 -28.07 -20.46
N VAL A 220 19.02 -28.48 -19.95
CA VAL A 220 17.74 -27.91 -20.38
C VAL A 220 16.96 -27.32 -19.22
N LYS A 221 16.13 -26.32 -19.53
CA LYS A 221 15.22 -25.71 -18.58
C LYS A 221 13.81 -26.00 -19.08
N VAL A 222 12.83 -26.01 -18.18
CA VAL A 222 11.44 -26.30 -18.57
C VAL A 222 10.69 -25.00 -18.81
N SER A 223 9.50 -25.09 -19.42
CA SER A 223 8.84 -23.95 -20.07
C SER A 223 7.92 -23.19 -19.13
N GLN A 224 7.70 -21.90 -19.40
CA GLN A 224 7.00 -21.00 -18.45
C GLN A 224 5.70 -21.51 -17.78
N ASP A 225 5.14 -22.65 -18.21
CA ASP A 225 3.93 -23.23 -17.58
C ASP A 225 4.28 -24.31 -16.57
N THR A 226 5.32 -25.08 -16.83
CA THR A 226 5.80 -26.03 -15.83
C THR A 226 6.27 -25.25 -14.59
N ARG A 227 6.78 -24.03 -14.78
CA ARG A 227 7.11 -23.15 -13.65
C ARG A 227 5.89 -22.37 -13.15
N LEU A 228 4.97 -22.02 -14.04
CA LEU A 228 3.78 -21.26 -13.63
C LEU A 228 2.81 -22.15 -12.87
N ASP A 229 2.70 -23.42 -13.31
CA ASP A 229 1.88 -24.41 -12.59
C ASP A 229 2.50 -24.80 -11.24
N ASN A 230 3.79 -24.51 -11.04
CA ASN A 230 4.42 -24.63 -9.74
C ASN A 230 5.07 -23.33 -9.30
N ARG A 231 4.32 -22.22 -9.40
CA ARG A 231 4.86 -20.88 -9.13
C ARG A 231 5.56 -20.77 -7.80
N MET A 232 4.98 -21.34 -6.76
CA MET A 232 5.55 -21.19 -5.42
C MET A 232 6.93 -21.83 -5.34
N LEU A 233 7.16 -22.89 -6.11
CA LEU A 233 8.47 -23.54 -6.19
C LEU A 233 9.44 -22.65 -6.94
N ASP A 234 8.96 -22.04 -8.02
CA ASP A 234 9.77 -21.16 -8.83
C ASP A 234 10.25 -19.98 -7.98
N LEU A 235 9.38 -19.46 -7.10
CA LEU A 235 9.68 -18.24 -6.32
C LEU A 235 10.76 -18.46 -5.26
N ARG A 236 11.07 -19.72 -4.99
CA ARG A 236 12.13 -20.04 -4.05
C ARG A 236 13.53 -19.81 -4.59
N THR A 237 13.68 -19.67 -5.90
CA THR A 237 15.04 -19.42 -6.46
C THR A 237 15.54 -18.14 -5.83
N VAL A 238 16.83 -18.08 -5.58
CA VAL A 238 17.38 -16.92 -4.92
C VAL A 238 17.17 -15.65 -5.77
N THR A 239 17.30 -15.79 -7.09
CA THR A 239 17.00 -14.69 -7.99
C THR A 239 15.60 -14.15 -7.77
N ASN A 240 14.60 -15.01 -7.78
CA ASN A 240 13.20 -14.60 -7.60
C ASN A 240 12.93 -13.95 -6.25
N ILE A 241 13.36 -14.58 -5.15
CA ILE A 241 13.15 -13.96 -3.85
C ILE A 241 13.80 -12.58 -3.88
N ALA A 242 14.94 -12.45 -4.55
CA ALA A 242 15.61 -11.16 -4.68
C ALA A 242 14.83 -10.15 -5.54
N ILE A 243 14.27 -10.62 -6.65
CA ILE A 243 13.50 -9.76 -7.53
C ILE A 243 12.35 -9.12 -6.77
N PHE A 244 11.69 -9.87 -5.91
CA PHE A 244 10.47 -9.37 -5.26
C PHE A 244 10.73 -8.55 -4.01
N ARG A 245 11.96 -8.62 -3.52
CA ARG A 245 12.41 -7.72 -2.48
C ARG A 245 12.61 -6.34 -3.07
N ILE A 246 13.11 -6.33 -4.29
CA ILE A 246 13.34 -5.07 -4.98
C ILE A 246 12.05 -4.43 -5.46
N GLN A 247 11.06 -5.25 -5.81
CA GLN A 247 9.72 -4.72 -6.07
C GLN A 247 9.15 -4.15 -4.76
N SER A 248 9.34 -4.88 -3.67
CA SER A 248 8.97 -4.39 -2.35
C SER A 248 9.67 -3.09 -2.02
N ALA A 249 10.92 -2.96 -2.44
CA ALA A 249 11.72 -1.74 -2.21
C ALA A 249 11.12 -0.55 -2.93
N CYS A 250 10.77 -0.71 -4.20
CA CYS A 250 10.13 0.37 -4.95
C CYS A 250 8.87 0.86 -4.25
N CYS A 251 8.07 -0.06 -3.76
CA CYS A 251 6.81 0.27 -3.13
C CYS A 251 7.09 1.06 -1.88
N GLY A 252 8.06 0.57 -1.11
CA GLY A 252 8.32 1.06 0.22
C GLY A 252 8.89 2.45 0.18
N LEU A 253 9.87 2.63 -0.72
CA LEU A 253 10.56 3.91 -0.86
C LEU A 253 9.57 4.95 -1.42
N PHE A 254 8.75 4.54 -2.38
CA PHE A 254 7.68 5.40 -2.89
C PHE A 254 6.80 5.91 -1.74
N ARG A 255 6.44 5.03 -0.81
CA ARG A 255 5.64 5.39 0.35
C ARG A 255 6.43 6.25 1.32
N GLU A 256 7.65 5.82 1.62
CA GLU A 256 8.49 6.52 2.58
C GLU A 256 8.79 7.96 2.13
N PHE A 257 9.09 8.14 0.85
CA PHE A 257 9.49 9.47 0.36
C PHE A 257 8.34 10.43 0.37
N LEU A 258 7.22 10.00 -0.18
CA LEU A 258 6.04 10.85 -0.27
C LEU A 258 5.52 11.18 1.15
N THR A 259 5.66 10.23 2.06
CA THR A 259 5.27 10.49 3.44
C THR A 259 6.17 11.54 4.10
N SER A 260 7.46 11.51 3.78
CA SER A 260 8.38 12.51 4.31
C SER A 260 8.02 13.91 3.77
N GLN A 261 7.32 13.95 2.64
CA GLN A 261 6.79 15.19 2.07
C GLN A 261 5.37 15.51 2.51
N LYS A 262 4.89 14.83 3.54
CA LYS A 262 3.57 15.11 4.13
C LYS A 262 2.42 14.87 3.16
N PHE A 263 2.60 13.89 2.28
CA PHE A 263 1.51 13.37 1.44
C PHE A 263 0.60 12.50 2.30
N VAL A 264 -0.66 12.33 1.90
CA VAL A 264 -1.60 11.53 2.65
C VAL A 264 -1.99 10.33 1.83
N GLU A 265 -1.90 9.14 2.42
CA GLU A 265 -2.20 7.91 1.69
C GLU A 265 -3.68 7.76 1.71
N ILE A 266 -4.29 7.46 0.58
CA ILE A 266 -5.72 7.29 0.50
C ILE A 266 -6.08 5.96 -0.16
N HIS A 267 -7.32 5.55 0.06
CA HIS A 267 -7.83 4.29 -0.46
C HIS A 267 -9.20 4.52 -1.01
N THR A 268 -9.29 4.50 -2.34
CA THR A 268 -10.49 4.87 -3.06
C THR A 268 -11.16 3.57 -3.47
N PRO A 269 -12.48 3.60 -3.67
CA PRO A 269 -13.19 2.39 -4.02
C PRO A 269 -12.79 1.82 -5.37
N LYS A 270 -12.71 0.49 -5.45
CA LYS A 270 -12.47 -0.22 -6.70
C LYS A 270 -13.79 -0.71 -7.30
N LEU A 271 -14.78 -1.00 -6.45
CA LEU A 271 -16.12 -1.35 -6.93
C LEU A 271 -16.89 -0.08 -7.33
N ILE A 272 -16.63 0.44 -8.52
CA ILE A 272 -17.15 1.76 -8.94
C ILE A 272 -18.52 1.67 -9.59
N ALA A 292 -22.10 -2.81 -10.96
CA ALA A 292 -20.95 -2.13 -10.28
C ALA A 292 -19.69 -2.67 -10.91
N TYR A 293 -18.91 -1.77 -11.50
CA TYR A 293 -17.79 -2.07 -12.35
C TYR A 293 -16.52 -1.84 -11.53
N LEU A 294 -15.37 -2.17 -12.10
CA LEU A 294 -14.08 -1.98 -11.41
C LEU A 294 -13.45 -0.60 -11.71
N ALA A 295 -12.48 -0.22 -10.88
CA ALA A 295 -11.74 1.02 -11.08
C ALA A 295 -10.64 0.80 -12.10
N GLN A 296 -10.88 1.19 -13.35
CA GLN A 296 -9.85 1.10 -14.38
C GLN A 296 -8.68 1.92 -13.86
N SER A 297 -8.90 3.21 -13.66
CA SER A 297 -7.90 4.12 -13.12
C SER A 297 -8.45 4.72 -11.84
N PRO A 298 -7.69 4.64 -10.74
CA PRO A 298 -8.08 5.39 -9.53
C PRO A 298 -7.97 6.93 -9.66
N GLN A 299 -7.89 7.43 -10.89
CA GLN A 299 -7.71 8.85 -11.13
C GLN A 299 -8.89 9.68 -10.65
N LEU A 300 -10.10 9.33 -11.05
CA LEU A 300 -11.25 10.15 -10.72
C LEU A 300 -11.30 10.50 -9.23
N TYR A 301 -11.17 9.50 -8.37
CA TYR A 301 -11.26 9.72 -6.93
C TYR A 301 -10.07 10.45 -6.35
N LYS A 302 -8.88 10.15 -6.87
CA LYS A 302 -7.68 10.91 -6.56
C LYS A 302 -7.92 12.41 -6.69
N GLN A 303 -8.53 12.80 -7.81
CA GLN A 303 -8.86 14.22 -8.04
C GLN A 303 -9.88 14.73 -7.05
N MET A 304 -10.82 13.88 -6.70
CA MET A 304 -11.86 14.29 -5.77
C MET A 304 -11.30 14.46 -4.37
N ALA A 305 -10.25 13.72 -4.06
CA ALA A 305 -9.58 13.88 -2.78
C ALA A 305 -8.94 15.26 -2.71
N ILE A 306 -8.40 15.74 -3.83
CA ILE A 306 -7.78 17.07 -3.85
C ILE A 306 -8.85 18.17 -3.75
N MET A 307 -10.01 17.96 -4.35
CA MET A 307 -11.10 18.91 -4.21
C MET A 307 -11.66 18.85 -2.79
N GLY A 308 -11.22 17.88 -2.00
CA GLY A 308 -11.55 17.79 -0.57
C GLY A 308 -10.46 18.34 0.33
N ASP A 309 -9.60 19.18 -0.23
CA ASP A 309 -8.55 19.89 0.46
C ASP A 309 -7.47 18.98 1.10
N PHE A 310 -7.28 17.79 0.52
CA PHE A 310 -6.23 16.90 1.03
C PHE A 310 -4.83 17.34 0.58
N ARG A 311 -4.75 18.17 -0.45
CA ARG A 311 -3.52 18.83 -0.88
C ARG A 311 -2.50 17.96 -1.65
N LYS A 312 -2.13 16.84 -1.06
CA LYS A 312 -1.13 15.97 -1.64
C LYS A 312 -1.52 14.58 -1.22
N VAL A 313 -1.84 13.73 -2.17
CA VAL A 313 -2.27 12.35 -1.89
C VAL A 313 -1.56 11.36 -2.81
N PHE A 314 -1.46 10.12 -2.35
CA PHE A 314 -1.02 9.01 -3.16
C PHE A 314 -1.81 7.75 -2.86
N GLU A 315 -1.85 6.83 -3.81
CA GLU A 315 -2.54 5.55 -3.59
C GLU A 315 -1.69 4.43 -4.16
N VAL A 316 -1.51 3.38 -3.37
CA VAL A 316 -0.88 2.18 -3.86
C VAL A 316 -1.91 1.08 -3.89
N GLY A 317 -2.34 0.69 -5.08
CA GLY A 317 -3.47 -0.24 -5.24
C GLY A 317 -3.51 -0.92 -6.61
N PRO A 318 -4.50 -1.80 -6.80
CA PRO A 318 -4.65 -2.47 -8.08
C PRO A 318 -5.30 -1.59 -9.15
N VAL A 319 -4.84 -1.77 -10.37
CA VAL A 319 -5.38 -1.07 -11.53
C VAL A 319 -5.76 -2.16 -12.56
N PHE A 320 -6.95 -2.03 -13.14
CA PHE A 320 -7.49 -3.08 -14.00
C PHE A 320 -7.62 -2.63 -15.45
N ARG A 321 -6.83 -3.24 -16.31
CA ARG A 321 -6.88 -2.97 -17.74
C ARG A 321 -7.86 -3.93 -18.42
N ALA A 322 -9.09 -3.50 -18.62
CA ALA A 322 -10.09 -4.27 -19.37
C ALA A 322 -9.63 -4.51 -20.81
N GLU A 323 -8.73 -3.66 -21.30
CA GLU A 323 -8.14 -3.79 -22.63
C GLU A 323 -7.49 -5.18 -22.79
N ASN A 324 -8.06 -6.01 -23.66
CA ASN A 324 -7.46 -7.32 -23.95
C ASN A 324 -6.09 -7.17 -24.65
N SER A 325 -5.01 -7.25 -23.86
CA SER A 325 -3.66 -6.88 -24.33
C SER A 325 -2.53 -7.85 -23.92
N ASN A 326 -2.10 -8.70 -24.86
CA ASN A 326 -0.93 -9.59 -24.67
C ASN A 326 0.14 -9.45 -25.79
N THR A 327 1.18 -8.66 -25.50
CA THR A 327 2.34 -8.49 -26.38
C THR A 327 3.55 -9.26 -25.80
N ARG A 328 4.28 -8.62 -24.88
CA ARG A 328 5.21 -9.30 -23.95
C ARG A 328 5.48 -8.44 -22.71
N ARG A 329 4.60 -7.47 -22.45
CA ARG A 329 4.84 -6.42 -21.45
C ARG A 329 3.57 -5.76 -20.89
N HIS A 330 2.40 -6.35 -21.16
CA HIS A 330 1.11 -5.79 -20.70
C HIS A 330 0.11 -6.87 -20.20
N LEU A 331 -0.68 -6.53 -19.18
CA LEU A 331 -1.63 -7.46 -18.52
C LEU A 331 -2.91 -6.75 -18.01
N THR A 332 -3.99 -7.53 -17.80
CA THR A 332 -5.30 -6.97 -17.42
C THR A 332 -5.47 -6.68 -15.91
N GLU A 333 -4.41 -6.85 -15.13
CA GLU A 333 -4.40 -6.42 -13.74
C GLU A 333 -2.96 -6.17 -13.32
N PHE A 334 -2.71 -5.00 -12.76
CA PHE A 334 -1.39 -4.67 -12.24
C PHE A 334 -1.52 -3.78 -10.99
N GLU A 335 -0.40 -3.48 -10.35
CA GLU A 335 -0.38 -2.64 -9.19
C GLU A 335 0.10 -1.23 -9.55
N GLY A 336 -0.71 -0.22 -9.25
CA GLY A 336 -0.40 1.15 -9.60
C GLY A 336 -0.06 2.08 -8.43
N LEU A 337 1.03 2.83 -8.59
CA LEU A 337 1.45 3.80 -7.60
C LEU A 337 1.03 5.13 -8.16
N ASP A 338 0.09 5.78 -7.49
CA ASP A 338 -0.51 7.01 -8.00
C ASP A 338 -0.27 8.18 -7.06
N ILE A 339 -0.11 9.37 -7.64
CA ILE A 339 0.11 10.61 -6.93
C ILE A 339 -0.78 11.71 -7.51
N GLU A 340 -1.24 12.61 -6.66
CA GLU A 340 -1.99 13.78 -7.08
C GLU A 340 -1.75 14.89 -6.04
N MET A 341 -1.65 16.14 -6.51
CA MET A 341 -1.29 17.24 -5.66
C MET A 341 -1.80 18.58 -6.18
N GLU A 342 -2.06 19.51 -5.27
CA GLU A 342 -2.29 20.89 -5.64
C GLU A 342 -1.07 21.40 -6.34
N ILE A 343 -1.26 22.47 -7.09
CA ILE A 343 -0.25 23.04 -7.94
C ILE A 343 -0.44 24.52 -7.70
N VAL A 344 0.67 25.22 -7.48
CA VAL A 344 0.62 26.64 -7.15
C VAL A 344 0.77 27.44 -8.43
N GLU A 345 2.00 27.61 -8.90
CA GLU A 345 2.29 28.41 -10.10
C GLU A 345 2.26 27.60 -11.39
N ASN A 346 2.86 26.41 -11.39
CA ASN A 346 3.13 25.67 -12.62
C ASN A 346 3.20 24.15 -12.39
N TYR A 347 2.66 23.37 -13.34
CA TYR A 347 2.54 21.91 -13.18
C TYR A 347 3.90 21.22 -13.17
N HIS A 348 4.95 21.92 -13.57
CA HIS A 348 6.28 21.36 -13.44
C HIS A 348 6.65 21.16 -11.96
N GLU A 349 5.97 21.86 -11.04
CA GLU A 349 6.09 21.56 -9.61
C GLU A 349 5.85 20.09 -9.36
N CYS A 350 4.93 19.51 -10.12
CA CYS A 350 4.62 18.08 -10.02
C CYS A 350 5.72 17.22 -10.62
N ILE A 351 6.29 17.64 -11.74
CA ILE A 351 7.42 16.92 -12.34
C ILE A 351 8.63 16.98 -11.40
N ASP A 352 8.81 18.11 -10.72
CA ASP A 352 9.91 18.29 -9.79
C ASP A 352 9.82 17.27 -8.63
N VAL A 353 8.60 16.97 -8.18
CA VAL A 353 8.42 16.00 -7.08
C VAL A 353 8.80 14.58 -7.54
N MET A 354 8.39 14.23 -8.74
CA MET A 354 8.81 12.99 -9.39
C MET A 354 10.31 12.81 -9.44
N GLU A 355 11.02 13.83 -9.93
CA GLU A 355 12.45 13.70 -10.09
C GLU A 355 13.04 13.39 -8.75
N LYS A 356 12.69 14.22 -7.77
CA LYS A 356 13.11 13.97 -6.41
C LYS A 356 12.70 12.56 -6.00
N LEU A 357 11.45 12.20 -6.28
CA LEU A 357 10.85 10.94 -5.85
C LEU A 357 11.60 9.73 -6.40
N PHE A 358 11.86 9.74 -7.71
CA PHE A 358 12.52 8.62 -8.36
C PHE A 358 13.99 8.54 -8.03
N THR A 359 14.63 9.70 -7.92
CA THR A 359 16.03 9.74 -7.57
C THR A 359 16.23 9.10 -6.19
N PHE A 360 15.24 9.27 -5.32
CA PHE A 360 15.28 8.68 -4.01
C PHE A 360 15.19 7.17 -4.13
N ILE A 361 14.20 6.69 -4.87
CA ILE A 361 14.03 5.25 -5.08
C ILE A 361 15.33 4.69 -5.65
N PHE A 362 15.92 5.39 -6.61
CA PHE A 362 17.10 4.88 -7.31
C PHE A 362 18.41 5.05 -6.53
N ASP A 363 18.48 6.07 -5.68
CA ASP A 363 19.64 6.23 -4.80
C ASP A 363 19.62 5.12 -3.74
N GLU A 364 18.46 4.95 -3.10
CA GLU A 364 18.35 4.08 -1.93
C GLU A 364 18.36 2.58 -2.22
N ILE A 365 17.81 2.17 -3.36
CA ILE A 365 17.77 0.74 -3.67
C ILE A 365 19.14 0.04 -3.54
N PRO A 366 20.19 0.57 -4.18
CA PRO A 366 21.50 -0.06 -4.01
C PRO A 366 22.06 0.06 -2.59
N LYS A 367 21.79 1.15 -1.88
CA LYS A 367 22.29 1.26 -0.51
C LYS A 367 21.66 0.22 0.41
N ARG A 368 20.38 -0.11 0.17
CA ARG A 368 19.63 -0.95 1.09
C ARG A 368 19.49 -2.39 0.68
N PHE A 369 19.72 -2.69 -0.61
CA PHE A 369 19.62 -4.06 -1.10
C PHE A 369 20.77 -4.44 -2.05
N PRO A 370 22.03 -4.25 -1.62
CA PRO A 370 23.16 -4.57 -2.47
C PRO A 370 23.22 -6.06 -2.84
N ASP A 371 23.02 -6.96 -1.89
CA ASP A 371 23.11 -8.40 -2.17
C ASP A 371 22.07 -8.89 -3.16
N GLU A 372 20.85 -8.36 -3.05
CA GLU A 372 19.78 -8.73 -3.96
C GLU A 372 20.15 -8.35 -5.41
N LEU A 373 20.60 -7.12 -5.60
CA LEU A 373 21.08 -6.66 -6.88
C LEU A 373 22.17 -7.61 -7.42
N LYS A 374 23.11 -7.98 -6.55
CA LYS A 374 24.18 -8.89 -6.94
C LYS A 374 23.58 -10.18 -7.48
N VAL A 375 22.63 -10.75 -6.72
CA VAL A 375 22.05 -12.07 -7.06
C VAL A 375 21.27 -12.08 -8.38
N ILE A 376 20.62 -10.95 -8.67
CA ILE A 376 19.80 -10.81 -9.87
C ILE A 376 20.73 -10.76 -11.08
N ARG A 377 21.82 -10.03 -10.93
CA ARG A 377 22.71 -9.76 -12.06
C ARG A 377 23.33 -11.04 -12.60
N LYS A 378 23.60 -12.00 -11.73
CA LYS A 378 24.12 -13.30 -12.16
C LYS A 378 23.16 -14.01 -13.09
N GLN A 379 21.88 -14.06 -12.73
CA GLN A 379 20.86 -14.70 -13.57
C GLN A 379 20.57 -13.88 -14.82
N TYR A 380 20.31 -12.59 -14.63
CA TYR A 380 19.91 -11.73 -15.72
C TYR A 380 20.79 -10.48 -15.76
N PRO A 381 21.92 -10.56 -16.47
CA PRO A 381 22.86 -9.45 -16.52
C PRO A 381 22.22 -8.15 -16.97
N PHE A 382 22.63 -7.05 -16.34
CA PHE A 382 22.20 -5.72 -16.69
C PHE A 382 23.20 -4.74 -16.08
N GLU A 383 23.39 -3.57 -16.69
CA GLU A 383 24.22 -2.54 -16.04
C GLU A 383 23.35 -1.56 -15.28
N ASP A 384 23.91 -1.02 -14.20
CA ASP A 384 23.15 -0.16 -13.31
C ASP A 384 22.51 1.00 -14.06
N LEU A 385 21.25 1.27 -13.73
CA LEU A 385 20.53 2.38 -14.33
C LEU A 385 21.30 3.68 -14.11
N ILE A 386 21.38 4.48 -15.16
CA ILE A 386 21.91 5.86 -15.08
C ILE A 386 20.73 6.81 -15.08
N TYR A 387 20.55 7.52 -13.97
CA TYR A 387 19.35 8.34 -13.76
C TYR A 387 19.66 9.82 -13.53
N ARG A 388 20.94 10.17 -13.47
CA ARG A 388 21.36 11.56 -13.50
C ARG A 388 22.18 11.77 -14.76
N PRO A 389 21.84 12.79 -15.57
CA PRO A 389 20.79 13.78 -15.38
C PRO A 389 19.42 13.21 -15.71
N PHE A 390 18.40 13.82 -15.12
CA PHE A 390 17.03 13.62 -15.54
C PHE A 390 16.78 14.57 -16.71
N LEU A 391 16.68 14.03 -17.91
CA LEU A 391 16.48 14.85 -19.08
C LEU A 391 15.00 15.22 -19.29
N ARG A 392 14.74 16.48 -19.59
CA ARG A 392 13.39 16.94 -19.97
C ARG A 392 13.36 17.42 -21.44
N LEU A 393 12.59 16.71 -22.26
CA LEU A 393 12.31 17.10 -23.64
C LEU A 393 10.83 17.46 -23.80
N THR A 394 10.48 17.99 -24.96
CA THR A 394 9.08 18.14 -25.36
C THR A 394 8.77 17.11 -26.44
N TYR A 395 7.49 16.81 -26.64
CA TYR A 395 7.06 15.86 -27.67
C TYR A 395 7.62 16.30 -29.01
N LYS A 396 7.49 17.59 -29.30
CA LYS A 396 8.06 18.25 -30.48
C LYS A 396 9.54 17.91 -30.71
N GLU A 397 10.35 18.14 -29.68
CA GLU A 397 11.78 17.84 -29.76
C GLU A 397 12.00 16.35 -30.03
N ALA A 398 11.17 15.51 -29.41
CA ALA A 398 11.28 14.08 -29.60
C ALA A 398 10.99 13.75 -31.06
N ILE A 399 9.88 14.28 -31.59
CA ILE A 399 9.54 14.06 -33.00
C ILE A 399 10.70 14.51 -33.88
N GLU A 400 11.28 15.65 -33.54
CA GLU A 400 12.41 16.23 -34.26
C GLU A 400 13.60 15.26 -34.32
N MET A 401 13.90 14.62 -33.21
CA MET A 401 15.00 13.64 -33.16
C MET A 401 14.72 12.41 -34.00
N LEU A 402 13.54 11.81 -33.82
CA LEU A 402 13.19 10.56 -34.52
C LEU A 402 13.18 10.72 -36.03
N ARG A 403 12.63 11.84 -36.51
CA ARG A 403 12.69 12.22 -37.92
C ARG A 403 14.12 12.33 -38.41
N ALA A 404 15.00 12.90 -37.58
CA ALA A 404 16.41 12.98 -37.91
C ALA A 404 17.03 11.58 -37.95
N SER A 405 16.47 10.65 -37.19
CA SER A 405 16.89 9.24 -37.20
C SER A 405 16.33 8.45 -38.38
N GLY A 406 15.49 9.10 -39.20
CA GLY A 406 14.91 8.47 -40.38
C GLY A 406 13.44 8.08 -40.28
N GLU A 407 12.82 8.23 -39.12
CA GLU A 407 11.41 7.85 -38.97
C GLU A 407 10.52 8.90 -39.67
N THR A 408 9.38 8.47 -40.20
CA THR A 408 8.33 9.39 -40.63
C THR A 408 7.20 9.22 -39.65
N ILE A 409 6.77 10.30 -39.01
CA ILE A 409 5.90 10.18 -37.84
C ILE A 409 4.68 11.11 -37.75
N GLY A 410 4.79 12.34 -38.26
CA GLY A 410 3.65 13.26 -38.16
C GLY A 410 3.48 13.86 -36.77
N ASP A 411 3.08 15.13 -36.71
CA ASP A 411 3.20 15.94 -35.50
C ASP A 411 2.48 15.42 -34.26
N TYR A 412 1.28 14.86 -34.41
CA TYR A 412 0.44 14.51 -33.25
C TYR A 412 0.25 13.01 -33.03
N ASP A 413 1.14 12.20 -33.60
CA ASP A 413 1.02 10.75 -33.51
C ASP A 413 1.62 10.20 -32.21
N ASP A 414 0.91 9.25 -31.60
CA ASP A 414 1.46 8.42 -30.53
C ASP A 414 2.67 7.68 -31.09
N PHE A 415 3.63 7.32 -30.22
CA PHE A 415 4.82 6.60 -30.65
C PHE A 415 4.59 5.10 -30.60
N THR A 416 5.07 4.39 -31.61
CA THR A 416 5.14 2.93 -31.56
C THR A 416 6.19 2.57 -30.50
N THR A 417 6.10 1.37 -29.93
CA THR A 417 7.02 0.97 -28.88
C THR A 417 8.49 0.99 -29.33
N PRO A 418 8.78 0.42 -30.51
CA PRO A 418 10.12 0.55 -31.10
C PRO A 418 10.62 1.99 -31.12
N GLN A 419 9.76 2.94 -31.47
CA GLN A 419 10.14 4.35 -31.56
C GLN A 419 10.55 4.91 -30.19
N GLU A 420 9.91 4.43 -29.14
CA GLU A 420 10.28 4.82 -27.79
C GLU A 420 11.68 4.27 -27.44
N VAL A 421 11.98 3.04 -27.85
CA VAL A 421 13.32 2.43 -27.64
C VAL A 421 14.39 3.14 -28.46
N LYS A 422 14.06 3.50 -29.68
CA LYS A 422 15.01 4.21 -30.54
C LYS A 422 15.36 5.54 -29.90
N LEU A 423 14.35 6.24 -29.42
CA LEU A 423 14.55 7.53 -28.76
C LEU A 423 15.40 7.36 -27.51
N GLY A 424 15.21 6.23 -26.84
CA GLY A 424 16.03 5.88 -25.68
C GLY A 424 17.50 5.82 -26.06
N GLU A 425 17.78 5.16 -27.19
CA GLU A 425 19.15 5.01 -27.70
C GLU A 425 19.74 6.35 -28.17
N LEU A 426 18.90 7.21 -28.76
CA LEU A 426 19.32 8.56 -29.10
C LEU A 426 19.72 9.33 -27.84
N ILE A 427 18.86 9.29 -26.82
CA ILE A 427 19.08 10.02 -25.59
C ILE A 427 20.28 9.52 -24.80
N LYS A 428 20.46 8.20 -24.75
CA LYS A 428 21.62 7.59 -24.09
C LYS A 428 22.93 8.03 -24.72
N ALA A 429 22.96 8.11 -26.05
CA ALA A 429 24.16 8.51 -26.75
C ALA A 429 24.50 9.99 -26.52
N LYS A 430 23.48 10.85 -26.52
CA LYS A 430 23.71 12.29 -26.46
C LYS A 430 23.93 12.79 -25.01
N TYR A 431 23.06 12.40 -24.09
CA TYR A 431 23.12 12.86 -22.69
C TYR A 431 23.63 11.81 -21.71
N ASN A 432 23.72 10.56 -22.15
CA ASN A 432 24.18 9.46 -21.29
C ASN A 432 23.37 9.33 -20.01
N THR A 433 22.06 9.19 -20.20
CA THR A 433 21.13 8.89 -19.13
C THR A 433 20.20 7.79 -19.62
N ASP A 434 19.64 7.04 -18.68
CA ASP A 434 18.59 6.06 -18.98
C ASP A 434 17.24 6.60 -18.53
N PHE A 435 17.20 7.86 -18.12
CA PHE A 435 16.06 8.38 -17.39
C PHE A 435 15.66 9.76 -17.88
N TYR A 436 14.46 9.87 -18.43
CA TYR A 436 14.02 11.16 -18.93
C TYR A 436 12.53 11.31 -18.90
N ILE A 437 12.09 12.53 -19.23
CA ILE A 437 10.69 12.89 -19.25
C ILE A 437 10.32 13.61 -20.55
N LEU A 438 9.27 13.11 -21.21
CA LEU A 438 8.70 13.75 -22.40
C LEU A 438 7.53 14.62 -22.01
N ASP A 439 7.62 15.90 -22.29
CA ASP A 439 6.62 16.88 -21.88
C ASP A 439 5.80 17.38 -23.09
N LYS A 440 4.61 17.95 -22.84
CA LYS A 440 3.75 18.57 -23.85
C LYS A 440 3.24 17.61 -24.94
N PHE A 441 2.55 16.55 -24.53
CA PHE A 441 1.98 15.61 -25.50
C PHE A 441 0.84 16.29 -26.26
N PRO A 442 0.58 15.81 -27.49
CA PRO A 442 -0.62 16.13 -28.25
C PRO A 442 -1.90 15.85 -27.47
N ALA A 443 -2.79 16.84 -27.41
CA ALA A 443 -4.12 16.67 -26.81
C ALA A 443 -4.91 15.46 -27.37
N ALA A 444 -4.77 15.19 -28.66
CA ALA A 444 -5.53 14.12 -29.30
C ALA A 444 -5.21 12.73 -28.75
N ILE A 445 -4.02 12.57 -28.17
CA ILE A 445 -3.59 11.31 -27.58
C ILE A 445 -3.92 11.19 -26.07
N ARG A 446 -4.30 12.32 -25.46
CA ARG A 446 -4.52 12.34 -24.02
C ARG A 446 -5.98 12.48 -23.67
N PRO A 447 -6.36 12.05 -22.45
CA PRO A 447 -7.78 12.05 -22.10
C PRO A 447 -8.37 13.44 -21.90
N PHE A 448 -9.69 13.47 -21.79
CA PHE A 448 -10.46 14.70 -21.78
C PHE A 448 -10.27 15.56 -20.53
N TYR A 449 -9.77 14.96 -19.45
CA TYR A 449 -9.45 15.75 -18.24
C TYR A 449 -8.11 16.49 -18.32
N THR A 450 -7.36 16.32 -19.42
CA THR A 450 -6.02 16.90 -19.53
C THR A 450 -6.08 18.39 -19.82
N MET A 451 -5.32 19.18 -19.07
CA MET A 451 -5.30 20.64 -19.27
C MET A 451 -4.49 20.99 -20.49
N PRO A 452 -5.10 21.69 -21.45
CA PRO A 452 -4.37 22.00 -22.68
C PRO A 452 -3.30 23.07 -22.46
N ASP A 453 -2.32 23.09 -23.35
CA ASP A 453 -1.29 24.11 -23.33
C ASP A 453 -1.89 25.44 -23.81
N ILE A 454 -1.50 26.52 -23.16
CA ILE A 454 -2.04 27.85 -23.47
C ILE A 454 -1.66 28.36 -24.87
N ASP A 455 -0.46 28.01 -25.33
CA ASP A 455 0.02 28.48 -26.65
C ASP A 455 -0.58 27.69 -27.81
N ASP A 456 -0.87 26.42 -27.60
CA ASP A 456 -1.34 25.56 -28.66
C ASP A 456 -2.22 24.45 -28.08
N PRO A 457 -3.54 24.56 -28.22
CA PRO A 457 -4.46 23.55 -27.68
C PRO A 457 -4.38 22.18 -28.35
N ASN A 458 -3.63 22.07 -29.46
CA ASN A 458 -3.28 20.77 -30.02
C ASN A 458 -2.28 20.01 -29.13
N TYR A 459 -1.62 20.72 -28.22
CA TYR A 459 -0.78 20.14 -27.18
C TYR A 459 -1.41 20.33 -25.83
N SER A 460 -0.82 19.72 -24.80
CA SER A 460 -1.42 19.70 -23.48
C SER A 460 -0.35 19.76 -22.41
N ASN A 461 -0.79 19.98 -21.17
CA ASN A 461 0.07 19.93 -20.00
C ASN A 461 0.12 18.51 -19.43
N SER A 462 0.79 17.63 -20.19
CA SER A 462 0.96 16.24 -19.79
C SER A 462 2.37 15.77 -20.15
N TYR A 463 2.72 14.60 -19.63
CA TYR A 463 4.07 14.07 -19.70
C TYR A 463 4.11 12.55 -19.50
N ASP A 464 5.14 11.93 -20.04
CA ASP A 464 5.44 10.54 -19.77
C ASP A 464 6.87 10.49 -19.28
N VAL A 465 7.15 9.55 -18.39
CA VAL A 465 8.49 9.35 -17.86
C VAL A 465 8.97 8.00 -18.35
N PHE A 466 10.25 7.93 -18.66
CA PHE A 466 10.84 6.78 -19.31
C PHE A 466 12.06 6.28 -18.57
N VAL A 467 12.14 4.95 -18.43
CA VAL A 467 13.32 4.26 -17.92
C VAL A 467 13.77 3.22 -18.96
N ARG A 468 15.04 3.25 -19.30
CA ARG A 468 15.60 2.43 -20.40
C ARG A 468 14.78 2.55 -21.70
N GLY A 469 14.46 3.80 -22.04
CA GLY A 469 13.68 4.09 -23.24
C GLY A 469 12.25 3.55 -23.26
N GLN A 470 11.69 3.26 -22.10
CA GLN A 470 10.34 2.70 -22.01
C GLN A 470 9.53 3.36 -20.92
N GLU A 471 8.23 3.51 -21.17
CA GLU A 471 7.33 4.17 -20.24
C GLU A 471 7.10 3.45 -18.92
N ILE A 472 7.32 4.17 -17.82
CA ILE A 472 6.95 3.68 -16.49
C ILE A 472 5.79 4.46 -15.86
N THR A 473 5.62 5.72 -16.24
CA THR A 473 4.52 6.51 -15.71
C THR A 473 4.03 7.56 -16.67
N SER A 474 2.83 8.06 -16.40
CA SER A 474 2.15 9.01 -17.26
C SER A 474 1.39 9.94 -16.34
N GLY A 475 1.33 11.21 -16.68
CA GLY A 475 0.70 12.19 -15.82
C GLY A 475 0.37 13.50 -16.51
N ALA A 476 -0.29 14.41 -15.78
CA ALA A 476 -0.77 15.64 -16.38
C ALA A 476 -1.33 16.63 -15.39
N GLN A 477 -1.29 17.92 -15.72
CA GLN A 477 -2.18 18.87 -15.06
C GLN A 477 -3.58 18.58 -15.57
N ARG A 478 -4.57 18.69 -14.69
CA ARG A 478 -5.94 18.34 -15.04
C ARG A 478 -6.86 19.53 -15.01
N ILE A 479 -8.01 19.41 -15.66
CA ILE A 479 -8.96 20.53 -15.79
C ILE A 479 -9.82 20.63 -14.53
N HIS A 480 -9.74 21.79 -13.86
CA HIS A 480 -10.44 22.01 -12.59
C HIS A 480 -11.57 23.02 -12.68
N ASP A 481 -11.83 23.54 -13.89
CA ASP A 481 -12.98 24.42 -14.16
C ASP A 481 -14.09 23.55 -14.76
N PRO A 482 -15.27 23.49 -14.11
CA PRO A 482 -16.32 22.58 -14.59
C PRO A 482 -16.90 22.87 -15.98
N GLU A 483 -17.13 24.13 -16.33
CA GLU A 483 -17.65 24.45 -17.66
C GLU A 483 -16.68 23.91 -18.70
N PHE A 484 -15.41 24.25 -18.58
CA PHE A 484 -14.42 23.85 -19.57
C PHE A 484 -14.18 22.36 -19.59
N LEU A 485 -14.23 21.74 -18.42
CA LEU A 485 -14.04 20.30 -18.30
C LEU A 485 -15.14 19.59 -19.06
N MET A 486 -16.34 20.10 -18.92
CA MET A 486 -17.50 19.62 -19.65
C MET A 486 -17.42 19.90 -21.17
N LYS A 487 -16.83 21.03 -21.56
CA LYS A 487 -16.67 21.32 -22.99
C LYS A 487 -15.75 20.27 -23.61
N ARG A 488 -14.63 20.00 -22.95
CA ARG A 488 -13.66 19.03 -23.44
C ARG A 488 -14.21 17.62 -23.39
N CYS A 489 -15.05 17.37 -22.41
CA CYS A 489 -15.70 16.08 -22.23
C CYS A 489 -16.62 15.76 -23.40
N ILE A 490 -17.29 16.80 -23.90
CA ILE A 490 -18.11 16.66 -25.09
C ILE A 490 -17.25 16.57 -26.36
N GLU A 491 -16.19 17.36 -26.44
CA GLU A 491 -15.28 17.35 -27.61
C GLU A 491 -14.57 16.00 -27.82
N LYS A 492 -14.39 15.24 -26.74
CA LYS A 492 -13.82 13.88 -26.83
C LYS A 492 -14.92 12.83 -26.88
N GLY A 493 -16.15 13.28 -27.17
CA GLY A 493 -17.30 12.41 -27.31
C GLY A 493 -17.51 11.57 -26.07
N VAL A 494 -17.74 12.24 -24.94
CA VAL A 494 -17.99 11.55 -23.69
C VAL A 494 -19.20 12.19 -23.05
N ASP A 495 -20.13 11.35 -22.58
CA ASP A 495 -21.36 11.86 -21.98
C ASP A 495 -21.05 12.43 -20.60
N PRO A 496 -21.27 13.74 -20.43
CA PRO A 496 -21.10 14.28 -19.08
C PRO A 496 -22.01 13.58 -18.09
N ALA A 497 -23.21 13.21 -18.54
CA ALA A 497 -24.16 12.45 -17.70
C ALA A 497 -23.50 11.23 -17.08
N THR A 498 -22.64 10.57 -17.85
CA THR A 498 -21.91 9.37 -17.40
C THR A 498 -21.13 9.58 -16.11
N LEU A 499 -20.67 10.81 -15.87
CA LEU A 499 -19.88 11.13 -14.68
C LEU A 499 -20.27 12.47 -14.04
N LYS A 500 -21.56 12.60 -13.77
CA LYS A 500 -22.14 13.79 -13.18
C LYS A 500 -21.36 14.18 -11.93
N ASP A 501 -21.36 13.28 -10.96
CA ASP A 501 -20.79 13.56 -9.66
C ASP A 501 -19.34 14.05 -9.76
N TYR A 502 -18.56 13.44 -10.64
CA TYR A 502 -17.17 13.86 -10.82
C TYR A 502 -17.10 15.29 -11.30
N ILE A 503 -17.85 15.60 -12.37
CA ILE A 503 -17.84 16.94 -12.90
C ILE A 503 -18.36 17.93 -11.87
N GLU A 504 -19.45 17.57 -11.20
CA GLU A 504 -20.09 18.48 -10.27
C GLU A 504 -19.22 18.78 -9.06
N SER A 505 -18.27 17.90 -8.77
CA SER A 505 -17.42 18.06 -7.61
C SER A 505 -16.39 19.18 -7.78
N PHE A 506 -16.30 19.74 -8.99
CA PHE A 506 -15.36 20.85 -9.27
C PHE A 506 -16.01 22.21 -9.21
N ARG A 507 -17.24 22.31 -8.70
CA ARG A 507 -18.02 23.54 -8.83
C ARG A 507 -17.69 24.58 -7.78
N PHE A 508 -17.24 24.15 -6.61
CA PHE A 508 -17.24 25.01 -5.43
C PHE A 508 -15.83 25.40 -5.02
N GLY A 509 -15.11 25.99 -5.96
CA GLY A 509 -13.74 26.40 -5.75
C GLY A 509 -12.86 25.17 -5.86
N SER A 510 -11.90 25.22 -6.77
CA SER A 510 -11.25 24.02 -7.25
C SER A 510 -9.78 24.28 -7.49
N TRP A 511 -8.91 23.57 -6.75
CA TRP A 511 -7.46 23.79 -6.79
C TRP A 511 -6.86 23.41 -8.14
N PRO A 512 -5.95 24.26 -8.66
CA PRO A 512 -5.18 23.75 -9.79
C PRO A 512 -4.40 22.54 -9.33
N HIS A 513 -4.43 21.46 -10.11
CA HIS A 513 -3.75 20.23 -9.70
C HIS A 513 -3.21 19.38 -10.86
N ALA A 514 -2.27 18.52 -10.48
CA ALA A 514 -1.63 17.57 -11.41
C ALA A 514 -1.26 16.29 -10.66
N GLY A 515 -0.76 15.30 -11.39
CA GLY A 515 -0.40 14.02 -10.80
C GLY A 515 0.21 12.96 -11.72
N CYS A 516 0.11 11.72 -11.29
CA CYS A 516 0.88 10.61 -11.82
C CYS A 516 0.23 9.27 -11.71
N GLY A 517 0.48 8.41 -12.69
CA GLY A 517 0.21 6.98 -12.58
C GLY A 517 1.43 6.15 -12.92
N ILE A 518 2.00 5.47 -11.92
CA ILE A 518 3.17 4.63 -12.13
C ILE A 518 2.77 3.15 -12.07
N GLY A 519 3.37 2.31 -12.91
CA GLY A 519 3.17 0.87 -12.81
C GLY A 519 4.29 0.32 -11.94
N LEU A 520 3.95 -0.37 -10.87
CA LEU A 520 4.99 -0.93 -10.01
C LEU A 520 5.81 -1.97 -10.76
N GLU A 521 5.12 -2.99 -11.29
CA GLU A 521 5.78 -4.04 -12.10
C GLU A 521 6.71 -3.49 -13.18
N ARG A 522 6.26 -2.38 -13.79
CA ARG A 522 6.92 -1.73 -14.90
C ARG A 522 8.20 -1.06 -14.47
N ILE A 523 8.14 -0.34 -13.35
CA ILE A 523 9.31 0.38 -12.85
C ILE A 523 10.38 -0.61 -12.40
N THR A 524 9.97 -1.70 -11.78
CA THR A 524 10.93 -2.67 -11.25
C THR A 524 11.55 -3.45 -12.41
N MET A 525 10.72 -3.88 -13.33
CA MET A 525 11.16 -4.52 -14.56
C MET A 525 12.20 -3.68 -15.30
N LEU A 526 11.89 -2.42 -15.53
CA LEU A 526 12.78 -1.53 -16.25
C LEU A 526 13.98 -1.15 -15.41
N TYR A 527 13.82 -1.06 -14.10
CA TYR A 527 14.96 -0.78 -13.25
C TYR A 527 16.06 -1.85 -13.42
N LEU A 528 15.65 -3.12 -13.40
CA LEU A 528 16.57 -4.27 -13.44
C LEU A 528 16.88 -4.76 -14.87
N GLY A 529 16.38 -4.06 -15.89
CA GLY A 529 16.65 -4.43 -17.28
C GLY A 529 16.07 -5.76 -17.73
N ILE A 530 15.06 -6.24 -17.01
CA ILE A 530 14.41 -7.53 -17.28
C ILE A 530 13.36 -7.38 -18.39
N PRO A 531 13.40 -8.23 -19.42
CA PRO A 531 12.57 -7.96 -20.60
C PRO A 531 11.08 -8.38 -20.50
N ASN A 532 10.79 -9.39 -19.70
CA ASN A 532 9.43 -9.92 -19.56
C ASN A 532 8.76 -9.46 -18.25
N ILE A 533 7.59 -8.80 -18.35
CA ILE A 533 6.89 -8.28 -17.17
C ILE A 533 6.44 -9.40 -16.23
N ARG A 534 6.24 -10.60 -16.76
CA ARG A 534 5.79 -11.71 -15.93
C ARG A 534 6.85 -12.17 -14.92
N LYS A 535 8.12 -11.90 -15.20
CA LYS A 535 9.18 -12.25 -14.24
C LYS A 535 9.12 -11.35 -13.03
N VAL A 536 8.40 -10.25 -13.15
CA VAL A 536 8.34 -9.23 -12.13
C VAL A 536 6.94 -9.14 -11.52
N THR A 537 6.03 -10.04 -11.86
CA THR A 537 4.75 -10.12 -11.18
C THR A 537 4.68 -11.44 -10.42
N LEU A 538 4.17 -11.39 -9.19
CA LEU A 538 4.32 -12.48 -8.23
C LEU A 538 3.52 -13.70 -8.63
N PHE A 539 2.24 -13.52 -8.87
CA PHE A 539 1.39 -14.62 -9.34
C PHE A 539 0.76 -14.22 -10.66
N PRO A 540 1.52 -14.42 -11.77
CA PRO A 540 1.22 -13.87 -13.09
C PRO A 540 -0.23 -13.97 -13.52
N ARG A 541 -0.76 -12.81 -13.92
CA ARG A 541 -2.17 -12.64 -14.25
C ARG A 541 -2.38 -12.12 -15.70
N ASP A 542 -3.26 -12.79 -16.44
CA ASP A 542 -3.69 -12.38 -17.78
C ASP A 542 -4.96 -13.17 -18.23
N PRO A 543 -5.56 -12.81 -19.39
CA PRO A 543 -6.76 -13.52 -19.81
C PRO A 543 -6.58 -15.02 -20.13
N ILE A 544 -5.37 -15.42 -20.54
CA ILE A 544 -5.06 -16.84 -20.79
C ILE A 544 -4.55 -17.58 -19.52
N ARG A 545 -4.30 -16.85 -18.43
CA ARG A 545 -3.72 -17.45 -17.21
C ARG A 545 -4.40 -17.04 -15.90
N LEU A 546 -5.13 -18.01 -15.32
CA LEU A 546 -5.84 -17.88 -14.05
C LEU A 546 -5.04 -18.45 -12.87
N ASN A 547 -4.67 -19.73 -12.98
CA ASN A 547 -3.96 -20.44 -11.92
C ASN A 547 -2.51 -19.94 -11.82
N PRO A 548 -1.88 -20.09 -10.62
CA PRO A 548 -2.42 -20.67 -9.39
C PRO A 548 -3.14 -19.63 -8.54
N GLN B 14 -34.21 7.75 -18.10
CA GLN B 14 -34.19 8.77 -17.02
C GLN B 14 -32.76 9.18 -16.68
N LEU B 15 -32.17 9.97 -17.58
CA LEU B 15 -30.75 10.36 -17.52
C LEU B 15 -30.57 11.73 -16.83
N PRO B 16 -30.07 11.74 -15.57
CA PRO B 16 -30.06 13.03 -14.88
C PRO B 16 -28.85 13.89 -15.27
N PRO B 17 -29.10 15.01 -15.97
CA PRO B 17 -27.98 15.81 -16.43
C PRO B 17 -27.25 16.46 -15.29
N VAL B 18 -26.02 16.88 -15.56
CA VAL B 18 -25.23 17.68 -14.64
C VAL B 18 -25.87 19.05 -14.50
N VAL B 19 -25.97 19.54 -13.28
CA VAL B 19 -26.44 20.90 -13.02
C VAL B 19 -25.24 21.78 -12.74
N LEU B 20 -25.25 23.00 -13.25
CA LEU B 20 -24.17 23.95 -12.99
C LEU B 20 -24.74 25.28 -12.54
N LEU B 21 -24.52 25.60 -11.27
CA LEU B 21 -25.09 26.78 -10.65
C LEU B 21 -24.32 28.03 -11.05
N LYS B 22 -24.80 29.20 -10.63
CA LYS B 22 -24.19 30.47 -11.05
C LYS B 22 -22.99 30.86 -10.17
N THR B 23 -22.07 31.61 -10.75
CA THR B 23 -20.99 32.23 -9.99
C THR B 23 -21.16 33.75 -10.02
N PRO B 24 -20.59 34.44 -9.00
CA PRO B 24 -20.77 35.89 -8.96
C PRO B 24 -20.05 36.63 -10.07
N GLU B 25 -20.59 37.79 -10.44
CA GLU B 25 -20.02 38.64 -11.48
C GLU B 25 -19.21 39.76 -10.81
N LEU B 26 -17.94 39.49 -10.56
CA LEU B 26 -17.05 40.50 -9.96
C LEU B 26 -16.45 41.40 -11.04
N VAL B 27 -16.27 42.69 -10.73
CA VAL B 27 -15.56 43.62 -11.59
C VAL B 27 -14.12 43.78 -11.08
N SER B 28 -13.18 43.16 -11.79
CA SER B 28 -11.78 43.10 -11.39
C SER B 28 -11.05 44.45 -11.55
N GLY B 29 -9.93 44.58 -10.85
CA GLY B 29 -9.07 45.76 -10.92
C GLY B 29 -7.60 45.36 -10.81
N GLU B 30 -6.76 46.28 -10.35
CA GLU B 30 -5.31 46.04 -10.26
C GLU B 30 -4.93 45.13 -9.09
N ASN B 31 -5.36 45.51 -7.89
CA ASN B 31 -5.02 44.75 -6.68
C ASN B 31 -6.12 43.75 -6.21
N PHE B 32 -7.18 43.62 -7.01
CA PHE B 32 -8.30 42.75 -6.67
C PHE B 32 -8.89 42.24 -7.99
N LYS B 33 -8.49 41.04 -8.38
CA LYS B 33 -8.84 40.53 -9.71
C LYS B 33 -9.20 39.06 -9.67
N VAL B 34 -10.05 38.63 -10.59
CA VAL B 34 -10.24 37.21 -10.81
C VAL B 34 -9.23 36.81 -11.86
N MET B 35 -8.35 35.87 -11.50
CA MET B 35 -7.33 35.37 -12.40
C MET B 35 -7.98 34.59 -13.53
N PRO B 36 -7.29 34.49 -14.67
CA PRO B 36 -7.74 33.58 -15.71
C PRO B 36 -7.50 32.15 -15.28
N MET B 37 -8.21 31.21 -15.90
CA MET B 37 -8.07 29.81 -15.54
C MET B 37 -6.61 29.39 -15.57
N HIS B 38 -6.17 28.74 -14.51
CA HIS B 38 -4.80 28.29 -14.35
C HIS B 38 -4.44 27.23 -15.40
N GLN B 39 -3.55 27.60 -16.32
CA GLN B 39 -2.99 26.67 -17.30
C GLN B 39 -1.47 26.62 -17.22
N SER B 40 -0.95 26.83 -16.01
CA SER B 40 0.50 26.80 -15.74
C SER B 40 1.24 27.73 -16.68
N GLN B 41 0.93 29.01 -16.52
CA GLN B 41 1.20 30.06 -17.51
C GLN B 41 1.95 31.19 -16.81
N PRO B 42 2.66 32.02 -17.59
CA PRO B 42 3.53 33.03 -16.99
C PRO B 42 2.88 33.96 -15.96
N CYS B 43 1.62 34.35 -16.18
CA CYS B 43 0.97 35.29 -15.27
C CYS B 43 0.83 34.74 -13.85
N TYR B 44 0.82 33.41 -13.73
CA TYR B 44 0.81 32.77 -12.42
C TYR B 44 2.22 32.61 -11.82
N LYS B 45 3.26 33.00 -12.55
CA LYS B 45 4.64 32.87 -12.07
C LYS B 45 5.05 34.14 -11.34
N THR B 46 4.51 34.32 -10.14
CA THR B 46 4.71 35.56 -9.37
C THR B 46 6.14 35.68 -8.83
N GLY B 47 6.75 34.54 -8.50
CA GLY B 47 8.05 34.55 -7.80
C GLY B 47 7.95 34.96 -6.33
N LEU B 48 6.73 35.04 -5.80
CA LEU B 48 6.49 35.33 -4.39
C LEU B 48 6.79 34.12 -3.54
N LYS B 49 6.84 34.34 -2.22
CA LYS B 49 6.94 33.25 -1.25
C LYS B 49 5.60 33.05 -0.58
N TYR B 50 5.00 31.87 -0.81
CA TYR B 50 3.74 31.53 -0.17
C TYR B 50 3.99 31.11 1.26
N THR B 51 3.27 31.74 2.18
CA THR B 51 3.38 31.47 3.61
C THR B 51 2.22 30.57 4.03
N GLU B 52 2.52 29.56 4.83
CA GLU B 52 1.50 28.63 5.34
C GLU B 52 0.81 29.23 6.58
N ILE B 53 -0.50 29.02 6.70
CA ILE B 53 -1.33 29.68 7.72
C ILE B 53 -0.83 29.43 9.15
N GLU B 54 -0.52 28.18 9.43
CA GLU B 54 0.16 27.74 10.67
C GLU B 54 1.39 28.57 11.06
N GLU B 55 2.03 29.23 10.09
CA GLU B 55 3.22 30.05 10.37
C GLU B 55 2.82 31.44 10.83
N LEU B 56 1.58 31.83 10.56
CA LEU B 56 1.07 33.11 11.00
C LEU B 56 0.96 33.09 12.50
N VAL B 57 1.83 33.84 13.13
CA VAL B 57 2.08 33.76 14.57
C VAL B 57 2.64 35.14 14.99
N PRO B 58 2.48 35.50 16.28
CA PRO B 58 2.91 36.85 16.68
C PRO B 58 4.36 37.16 16.32
N ALA B 59 5.17 36.11 16.17
CA ALA B 59 6.55 36.20 15.68
C ALA B 59 6.74 37.13 14.48
N MET B 60 5.76 37.21 13.59
CA MET B 60 5.94 37.94 12.34
C MET B 60 4.89 39.01 12.09
N ALA B 61 4.58 39.77 13.14
CA ALA B 61 3.80 40.99 13.00
C ALA B 61 4.59 41.98 12.15
N GLU B 62 3.88 42.74 11.32
CA GLU B 62 4.46 43.76 10.43
C GLU B 62 5.27 43.21 9.22
N LYS B 63 5.40 41.88 9.08
CA LYS B 63 5.91 41.29 7.83
C LYS B 63 4.76 41.16 6.88
N THR B 64 5.04 41.15 5.58
CA THR B 64 3.97 40.97 4.60
C THR B 64 4.00 39.54 4.09
N VAL B 65 2.81 39.02 3.81
CA VAL B 65 2.65 37.64 3.42
C VAL B 65 1.62 37.55 2.33
N THR B 66 1.65 36.42 1.64
CA THR B 66 0.65 36.09 0.65
C THR B 66 0.42 34.60 0.75
N ILE B 67 -0.85 34.22 0.83
CA ILE B 67 -1.20 32.85 1.15
C ILE B 67 -2.41 32.40 0.37
N ARG B 68 -2.28 31.21 -0.21
CA ARG B 68 -3.37 30.65 -1.00
C ARG B 68 -4.24 29.82 -0.10
N ALA B 69 -5.44 30.31 0.17
CA ALA B 69 -6.37 29.62 1.04
C ALA B 69 -7.80 29.66 0.52
N ARG B 70 -8.68 28.94 1.21
CA ARG B 70 -10.11 28.98 0.94
C ARG B 70 -10.67 30.15 1.70
N VAL B 71 -11.55 30.92 1.05
CA VAL B 71 -12.33 31.91 1.76
C VAL B 71 -13.57 31.19 2.26
N GLN B 72 -13.49 30.64 3.47
CA GLN B 72 -14.63 29.96 4.09
C GLN B 72 -15.82 30.89 4.31
N ALA B 73 -15.57 32.13 4.71
CA ALA B 73 -16.66 33.01 5.11
C ALA B 73 -16.34 34.46 4.93
N VAL B 74 -17.39 35.23 4.62
CA VAL B 74 -17.30 36.66 4.38
C VAL B 74 -18.34 37.37 5.25
N ARG B 75 -17.86 37.98 6.34
CA ARG B 75 -18.67 38.92 7.10
C ARG B 75 -18.25 40.32 6.69
N GLY B 76 -19.22 41.20 6.45
CA GLY B 76 -18.98 42.46 5.77
C GLY B 76 -19.75 43.58 6.40
N LYS B 77 -19.18 44.80 6.31
CA LYS B 77 -19.59 45.95 7.13
C LYS B 77 -19.59 47.29 6.36
N GLY B 78 -19.67 47.23 5.03
CA GLY B 78 -19.54 48.44 4.22
C GLY B 78 -18.06 48.80 4.06
N ASN B 79 -17.51 49.53 5.03
CA ASN B 79 -16.10 49.94 4.98
C ASN B 79 -15.09 48.89 5.42
N MET B 80 -15.57 47.78 5.99
CA MET B 80 -14.71 46.68 6.46
C MET B 80 -15.26 45.32 6.07
N VAL B 81 -14.40 44.48 5.51
CA VAL B 81 -14.80 43.11 5.18
C VAL B 81 -13.88 42.11 5.88
N PHE B 82 -14.48 41.24 6.69
CA PHE B 82 -13.73 40.16 7.35
C PHE B 82 -13.82 38.86 6.56
N LEU B 83 -12.67 38.38 6.11
CA LEU B 83 -12.56 37.10 5.40
C LEU B 83 -12.08 36.02 6.34
N PHE B 84 -12.86 34.96 6.52
CA PHE B 84 -12.42 33.81 7.31
C PHE B 84 -11.69 32.78 6.43
N LEU B 85 -10.38 32.67 6.59
CA LEU B 85 -9.60 31.81 5.72
C LEU B 85 -9.36 30.41 6.32
N ARG B 86 -9.45 29.37 5.48
CA ARG B 86 -9.13 28.01 5.91
C ARG B 86 -8.16 27.35 4.93
N LYS B 87 -7.41 26.39 5.42
CA LYS B 87 -6.45 25.69 4.63
C LYS B 87 -6.00 24.49 5.44
N GLY B 88 -6.46 23.32 5.03
CA GLY B 88 -6.22 22.12 5.80
C GLY B 88 -6.90 22.24 7.14
N ILE B 89 -6.17 21.91 8.20
CA ILE B 89 -6.70 22.00 9.54
C ILE B 89 -6.57 23.38 10.18
N TYR B 90 -5.92 24.33 9.50
CA TYR B 90 -5.71 25.66 10.08
C TYR B 90 -6.64 26.72 9.48
N THR B 91 -6.97 27.72 10.30
CA THR B 91 -7.82 28.84 9.91
C THR B 91 -7.27 30.14 10.49
N CYS B 92 -7.55 31.26 9.82
CA CYS B 92 -7.19 32.60 10.31
C CYS B 92 -8.11 33.68 9.74
N GLN B 93 -7.90 34.91 10.18
CA GLN B 93 -8.75 36.03 9.80
C GLN B 93 -8.01 37.06 8.95
N ALA B 94 -8.67 37.53 7.91
CA ALA B 94 -8.13 38.56 7.03
C ALA B 94 -9.08 39.73 7.08
N LEU B 95 -8.53 40.94 7.04
CA LEU B 95 -9.32 42.15 7.13
C LEU B 95 -9.04 43.04 5.93
N VAL B 96 -10.09 43.36 5.18
CA VAL B 96 -10.04 44.36 4.11
C VAL B 96 -10.70 45.62 4.66
N MET B 97 -9.96 46.73 4.68
CA MET B 97 -10.50 48.00 5.19
C MET B 97 -10.26 49.15 4.20
N LYS B 98 -11.34 49.86 3.88
CA LYS B 98 -11.26 51.04 3.01
C LYS B 98 -10.23 52.06 3.51
N SER B 99 -9.49 52.66 2.57
CA SER B 99 -8.43 53.60 2.88
C SER B 99 -7.99 54.43 1.66
N GLU B 100 -6.88 55.15 1.79
CA GLU B 100 -6.20 55.79 0.66
C GLU B 100 -5.73 54.79 -0.40
N THR B 101 -5.49 53.54 0.02
CA THR B 101 -4.88 52.54 -0.84
C THR B 101 -5.75 51.31 -1.09
N ILE B 102 -6.92 51.26 -0.44
CA ILE B 102 -7.90 50.20 -0.65
C ILE B 102 -9.25 50.86 -0.86
N SER B 103 -9.82 50.67 -2.06
CA SER B 103 -10.95 51.48 -2.52
C SER B 103 -12.31 50.85 -2.30
N LYS B 104 -13.36 51.66 -2.45
CA LYS B 104 -14.75 51.20 -2.40
C LYS B 104 -14.95 49.98 -3.27
N GLU B 105 -14.33 50.00 -4.45
CA GLU B 105 -14.45 48.93 -5.44
C GLU B 105 -13.69 47.68 -4.96
N PHE B 106 -12.58 47.91 -4.25
CA PHE B 106 -11.84 46.81 -3.60
C PHE B 106 -12.72 46.09 -2.60
N VAL B 107 -13.35 46.87 -1.72
CA VAL B 107 -14.21 46.32 -0.68
C VAL B 107 -15.38 45.53 -1.24
N GLN B 108 -16.12 46.13 -2.18
CA GLN B 108 -17.32 45.44 -2.70
C GLN B 108 -16.98 44.23 -3.57
N PHE B 109 -15.77 44.17 -4.12
CA PHE B 109 -15.25 42.96 -4.77
C PHE B 109 -15.21 41.87 -3.74
N CYS B 110 -14.56 42.17 -2.62
CA CYS B 110 -14.35 41.21 -1.55
C CYS B 110 -15.63 40.74 -0.90
N GLN B 111 -16.57 41.66 -0.70
CA GLN B 111 -17.86 41.31 -0.12
C GLN B 111 -18.67 40.38 -1.03
N LYS B 112 -18.36 40.37 -2.33
CA LYS B 112 -19.09 39.52 -3.28
C LYS B 112 -18.40 38.15 -3.58
N ILE B 113 -17.26 37.88 -2.96
CA ILE B 113 -16.62 36.59 -3.12
C ILE B 113 -17.53 35.53 -2.48
N SER B 114 -17.79 34.47 -3.25
CA SER B 114 -18.60 33.34 -2.80
C SER B 114 -17.79 32.41 -1.92
N ALA B 115 -18.48 31.78 -0.97
CA ALA B 115 -17.89 30.86 -0.01
C ALA B 115 -17.12 29.74 -0.72
N GLU B 116 -15.94 29.43 -0.17
CA GLU B 116 -15.06 28.36 -0.65
C GLU B 116 -14.24 28.72 -1.89
N SER B 117 -14.25 29.98 -2.28
CA SER B 117 -13.43 30.42 -3.40
C SER B 117 -12.00 30.32 -2.94
N ILE B 118 -11.12 29.86 -3.83
CA ILE B 118 -9.70 29.80 -3.51
C ILE B 118 -9.06 31.14 -3.88
N CYS B 119 -8.27 31.69 -2.97
CA CYS B 119 -7.70 33.00 -3.18
C CYS B 119 -6.22 33.09 -2.85
N ASP B 120 -5.53 34.05 -3.46
CA ASP B 120 -4.20 34.42 -3.03
C ASP B 120 -4.32 35.75 -2.34
N ILE B 121 -4.12 35.78 -1.04
CA ILE B 121 -4.29 37.01 -0.27
C ILE B 121 -2.94 37.53 0.21
N THR B 122 -2.58 38.73 -0.23
CA THR B 122 -1.40 39.42 0.25
C THR B 122 -1.81 40.43 1.30
N GLY B 123 -1.02 40.53 2.35
CA GLY B 123 -1.25 41.54 3.37
C GLY B 123 -0.14 41.61 4.38
N ILE B 124 -0.22 42.60 5.27
CA ILE B 124 0.69 42.72 6.39
C ILE B 124 0.08 42.04 7.63
N VAL B 125 0.84 41.14 8.24
CA VAL B 125 0.40 40.46 9.46
C VAL B 125 0.47 41.43 10.63
N LYS B 126 -0.68 41.81 11.17
CA LYS B 126 -0.72 42.72 12.31
C LYS B 126 -1.29 42.01 13.53
N ALA B 127 -0.81 42.41 14.71
CA ALA B 127 -1.21 41.79 15.97
C ALA B 127 -2.64 42.16 16.35
N VAL B 128 -3.22 41.37 17.25
CA VAL B 128 -4.56 41.65 17.76
C VAL B 128 -4.52 41.48 19.28
N GLU B 129 -4.74 42.57 20.00
CA GLU B 129 -4.77 42.52 21.47
C GLU B 129 -5.92 41.64 21.99
N LYS B 130 -7.00 41.57 21.22
CA LYS B 130 -8.16 40.74 21.57
C LYS B 130 -8.15 39.48 20.67
N PRO B 131 -8.13 38.28 21.28
CA PRO B 131 -7.91 37.05 20.51
C PRO B 131 -9.11 36.71 19.63
N ILE B 132 -8.89 35.96 18.54
CA ILE B 132 -9.93 35.61 17.58
C ILE B 132 -10.36 34.15 17.77
N GLU B 133 -11.32 33.96 18.68
CA GLU B 133 -11.65 32.62 19.22
C GLU B 133 -11.99 31.56 18.18
N LYS B 134 -12.55 31.95 17.04
CA LYS B 134 -12.97 30.96 16.04
C LYS B 134 -11.82 30.41 15.19
N ALA B 135 -10.69 31.12 15.11
CA ALA B 135 -9.57 30.74 14.25
C ALA B 135 -8.57 29.93 15.03
N THR B 136 -7.78 29.12 14.34
CA THR B 136 -6.68 28.40 14.99
C THR B 136 -5.54 29.38 15.29
N GLN B 137 -5.29 30.31 14.37
CA GLN B 137 -4.36 31.42 14.58
C GLN B 137 -5.12 32.57 15.25
N GLN B 138 -5.10 32.60 16.58
CA GLN B 138 -5.98 33.46 17.36
C GLN B 138 -5.39 34.83 17.68
N ASP B 139 -4.06 34.93 17.68
CA ASP B 139 -3.37 36.10 18.23
C ASP B 139 -2.84 37.08 17.16
N VAL B 140 -3.35 36.97 15.93
CA VAL B 140 -2.80 37.71 14.80
C VAL B 140 -3.80 37.68 13.65
N GLU B 141 -3.90 38.78 12.88
CA GLU B 141 -4.72 38.80 11.66
C GLU B 141 -4.07 39.55 10.49
N ILE B 142 -4.51 39.25 9.27
CA ILE B 142 -3.96 39.84 8.06
C ILE B 142 -4.71 41.10 7.63
N HIS B 143 -3.98 42.21 7.50
CA HIS B 143 -4.52 43.41 6.88
C HIS B 143 -4.20 43.37 5.41
N VAL B 144 -5.22 43.20 4.59
CA VAL B 144 -5.03 42.90 3.17
C VAL B 144 -4.58 44.15 2.42
N THR B 145 -3.68 43.92 1.46
CA THR B 145 -3.25 44.95 0.50
C THR B 145 -3.54 44.53 -0.95
N SER B 146 -3.85 43.25 -1.17
CA SER B 146 -4.12 42.72 -2.49
C SER B 146 -4.81 41.37 -2.39
N ILE B 147 -5.66 41.06 -3.38
CA ILE B 147 -6.32 39.76 -3.48
C ILE B 147 -6.41 39.35 -4.95
N ALA B 148 -6.38 38.03 -5.18
CA ALA B 148 -6.48 37.45 -6.52
C ALA B 148 -7.27 36.14 -6.44
N VAL B 149 -8.44 36.08 -7.06
CA VAL B 149 -9.22 34.85 -7.00
C VAL B 149 -8.66 33.86 -8.00
N VAL B 150 -8.24 32.71 -7.49
CA VAL B 150 -7.65 31.66 -8.33
C VAL B 150 -8.74 30.75 -8.89
N SER B 151 -9.73 30.44 -8.06
CA SER B 151 -10.88 29.68 -8.51
C SER B 151 -12.08 30.19 -7.75
N LEU B 152 -12.99 30.80 -8.49
CA LEU B 152 -14.18 31.40 -7.94
C LEU B 152 -15.25 30.34 -7.80
N ALA B 153 -15.83 30.24 -6.60
CA ALA B 153 -16.77 29.19 -6.28
C ALA B 153 -18.16 29.51 -6.84
N GLU B 154 -18.91 28.48 -7.17
CA GLU B 154 -20.33 28.58 -7.45
C GLU B 154 -21.14 28.76 -6.16
N TYR B 155 -22.42 29.11 -6.30
CA TYR B 155 -23.29 29.32 -5.14
C TYR B 155 -24.76 29.03 -5.51
N PRO B 156 -25.57 28.60 -4.53
CA PRO B 156 -25.23 28.41 -3.13
C PRO B 156 -24.64 27.05 -2.88
N LEU B 157 -23.84 26.92 -1.83
CA LEU B 157 -23.29 25.64 -1.46
C LEU B 157 -24.44 24.76 -0.99
N PRO B 158 -24.35 23.43 -1.25
CA PRO B 158 -25.38 22.57 -0.68
C PRO B 158 -25.39 22.56 0.85
N MET B 159 -24.23 22.77 1.47
CA MET B 159 -24.09 22.67 2.93
C MET B 159 -23.08 23.67 3.45
N GLN B 160 -23.36 24.25 4.60
CA GLN B 160 -22.38 25.09 5.27
C GLN B 160 -21.34 24.23 5.99
N ILE B 161 -20.09 24.63 5.87
CA ILE B 161 -18.96 23.95 6.51
C ILE B 161 -18.99 24.09 8.03
N GLU B 162 -19.29 25.29 8.50
CA GLU B 162 -19.48 25.58 9.92
C GLU B 162 -20.40 24.55 10.59
N ASP B 163 -21.63 24.36 10.08
CA ASP B 163 -22.55 23.40 10.75
C ASP B 163 -22.32 21.94 10.39
N LEU B 164 -21.31 21.69 9.57
CA LEU B 164 -20.81 20.35 9.33
C LEU B 164 -19.79 19.95 10.40
N THR B 165 -19.19 20.96 11.05
CA THR B 165 -18.09 20.78 11.99
C THR B 165 -18.49 20.81 13.47
N PHE B 166 -19.75 21.17 13.77
CA PHE B 166 -20.19 21.26 15.16
C PHE B 166 -20.15 19.93 15.89
N PRO B 167 -19.74 19.94 17.17
CA PRO B 167 -19.80 18.74 18.00
C PRO B 167 -21.21 18.52 18.52
N SER B 168 -21.62 17.26 18.66
CA SER B 168 -22.96 16.95 19.16
C SER B 168 -23.40 17.87 20.28
N SER B 169 -22.47 18.18 21.19
CA SER B 169 -22.78 18.97 22.39
C SER B 169 -23.49 20.30 22.08
N VAL B 170 -23.13 20.92 20.95
CA VAL B 170 -23.65 22.25 20.54
C VAL B 170 -25.18 22.28 20.48
N PHE B 171 -25.77 21.20 19.97
CA PHE B 171 -27.24 21.05 19.92
C PHE B 171 -27.89 20.61 21.22
N LYS B 172 -27.17 19.92 22.10
CA LYS B 172 -27.69 19.63 23.44
C LYS B 172 -27.81 20.95 24.21
N LYS B 173 -26.69 21.67 24.28
CA LYS B 173 -26.64 22.99 24.91
C LYS B 173 -27.56 24.01 24.25
N GLN B 174 -27.91 23.80 22.98
CA GLN B 174 -28.85 24.69 22.27
C GLN B 174 -30.29 24.51 22.74
N GLU B 175 -30.79 23.27 22.66
CA GLU B 175 -32.18 22.99 23.02
C GLU B 175 -32.46 23.11 24.52
N GLU B 176 -31.43 22.96 25.35
CA GLU B 176 -31.57 23.13 26.80
C GLU B 176 -31.50 24.61 27.21
N ASP B 177 -30.76 25.42 26.44
CA ASP B 177 -30.81 26.88 26.57
C ASP B 177 -32.21 27.40 26.28
N ILE B 178 -32.99 26.64 25.53
CA ILE B 178 -34.42 26.90 25.35
C ILE B 178 -35.22 26.30 26.51
N ALA B 179 -34.77 26.61 27.74
CA ALA B 179 -35.59 26.44 28.92
C ALA B 179 -36.45 27.69 29.08
N LYS B 180 -35.97 28.82 28.54
CA LYS B 180 -36.73 30.08 28.51
C LYS B 180 -38.22 29.87 28.21
N LYS B 213 -40.79 36.36 22.66
CA LYS B 213 -39.47 36.82 23.07
C LYS B 213 -38.38 36.24 22.16
N ALA B 214 -37.15 36.72 22.32
CA ALA B 214 -36.03 36.31 21.46
C ALA B 214 -35.52 34.91 21.83
N SER B 215 -35.30 34.07 20.82
CA SER B 215 -34.85 32.69 21.02
C SER B 215 -33.61 32.37 20.18
N ALA B 216 -32.81 31.42 20.67
CA ALA B 216 -31.57 30.99 20.01
C ALA B 216 -31.81 29.75 19.15
N GLN B 217 -32.09 29.97 17.87
CA GLN B 217 -32.49 28.93 16.92
C GLN B 217 -31.39 27.94 16.52
N LYS B 218 -30.12 28.27 16.78
CA LYS B 218 -28.98 27.38 16.48
C LYS B 218 -28.85 27.06 14.98
N TYR B 219 -28.72 25.78 14.61
CA TYR B 219 -28.37 25.41 13.22
C TYR B 219 -29.04 24.12 12.69
N VAL B 220 -28.35 22.98 12.83
CA VAL B 220 -28.75 21.61 12.42
C VAL B 220 -28.12 21.29 11.06
N LYS B 221 -28.10 20.01 10.67
CA LYS B 221 -27.67 19.64 9.30
C LYS B 221 -28.31 18.34 8.77
N VAL B 222 -28.72 18.38 7.50
CA VAL B 222 -29.49 17.32 6.84
C VAL B 222 -28.76 15.96 6.91
N SER B 223 -29.51 14.89 6.79
CA SER B 223 -28.98 13.54 6.95
C SER B 223 -27.75 13.23 6.09
N GLN B 224 -27.06 12.16 6.49
CA GLN B 224 -25.84 11.61 5.82
C GLN B 224 -25.83 11.50 4.27
N ASP B 225 -26.93 11.80 3.57
CA ASP B 225 -26.98 11.75 2.09
C ASP B 225 -26.75 13.11 1.44
N THR B 226 -27.21 14.18 2.10
CA THR B 226 -26.89 15.52 1.62
C THR B 226 -25.36 15.73 1.73
N ARG B 227 -24.71 15.10 2.72
CA ARG B 227 -23.24 15.11 2.80
C ARG B 227 -22.60 14.06 1.92
N LEU B 228 -23.24 12.91 1.75
CA LEU B 228 -22.67 11.86 0.91
C LEU B 228 -22.78 12.23 -0.58
N ASP B 229 -23.87 12.89 -0.94
CA ASP B 229 -24.03 13.40 -2.30
C ASP B 229 -23.09 14.58 -2.57
N ASN B 230 -22.54 15.18 -1.53
CA ASN B 230 -21.46 16.16 -1.69
C ASN B 230 -20.27 15.79 -0.81
N ARG B 231 -19.81 14.56 -0.96
CA ARG B 231 -18.71 14.04 -0.14
C ARG B 231 -17.47 14.89 -0.19
N MET B 232 -17.08 15.36 -1.37
CA MET B 232 -15.84 16.14 -1.49
C MET B 232 -15.91 17.47 -0.71
N LEU B 233 -17.11 18.01 -0.57
CA LEU B 233 -17.34 19.19 0.27
C LEU B 233 -17.24 18.82 1.77
N ASP B 234 -17.79 17.66 2.11
CA ASP B 234 -17.76 17.18 3.49
C ASP B 234 -16.31 16.96 3.96
N LEU B 235 -15.48 16.41 3.09
CA LEU B 235 -14.09 16.07 3.43
C LEU B 235 -13.22 17.28 3.67
N ARG B 236 -13.67 18.47 3.28
CA ARG B 236 -12.96 19.70 3.58
C ARG B 236 -13.06 20.13 5.05
N THR B 237 -13.99 19.62 5.82
CA THR B 237 -14.04 20.01 7.22
C THR B 237 -12.71 19.66 7.86
N VAL B 238 -12.25 20.48 8.78
CA VAL B 238 -10.92 20.26 9.36
C VAL B 238 -10.87 18.92 10.10
N THR B 239 -11.98 18.53 10.71
CA THR B 239 -12.08 17.20 11.34
C THR B 239 -11.79 16.11 10.31
N ASN B 240 -12.54 16.12 9.21
CA ASN B 240 -12.40 15.09 8.19
C ASN B 240 -11.00 15.02 7.61
N ILE B 241 -10.42 16.17 7.22
CA ILE B 241 -9.06 16.13 6.69
C ILE B 241 -8.14 15.53 7.75
N ALA B 242 -8.40 15.82 9.02
CA ALA B 242 -7.65 15.21 10.11
C ALA B 242 -7.89 13.71 10.22
N ILE B 243 -9.14 13.28 10.19
CA ILE B 243 -9.42 11.88 10.35
C ILE B 243 -8.60 11.05 9.36
N PHE B 244 -8.55 11.51 8.11
CA PHE B 244 -7.95 10.70 7.04
C PHE B 244 -6.44 10.80 6.97
N ARG B 245 -5.87 11.80 7.64
CA ARG B 245 -4.43 11.81 7.87
C ARG B 245 -4.05 10.74 8.88
N ILE B 246 -4.91 10.53 9.86
CA ILE B 246 -4.68 9.49 10.85
C ILE B 246 -4.92 8.10 10.25
N GLN B 247 -5.88 7.98 9.34
CA GLN B 247 -5.99 6.73 8.64
C GLN B 247 -4.69 6.49 7.89
N SER B 248 -4.23 7.53 7.20
CA SER B 248 -2.97 7.45 6.47
C SER B 248 -1.84 7.09 7.44
N ALA B 249 -1.90 7.60 8.66
CA ALA B 249 -0.85 7.32 9.65
C ALA B 249 -0.79 5.83 9.99
N CYS B 250 -1.94 5.21 10.23
CA CYS B 250 -2.00 3.78 10.46
C CYS B 250 -1.34 3.00 9.33
N CYS B 251 -1.68 3.35 8.11
CA CYS B 251 -1.19 2.61 6.96
C CYS B 251 0.34 2.71 6.91
N GLY B 252 0.82 3.92 7.11
CA GLY B 252 2.22 4.24 6.91
C GLY B 252 3.05 3.59 7.98
N LEU B 253 2.58 3.71 9.22
CA LEU B 253 3.34 3.17 10.33
C LEU B 253 3.38 1.67 10.22
N PHE B 254 2.24 1.06 9.86
CA PHE B 254 2.16 -0.39 9.58
C PHE B 254 3.23 -0.79 8.57
N ARG B 255 3.36 0.00 7.50
CA ARG B 255 4.35 -0.28 6.44
C ARG B 255 5.76 -0.01 6.97
N GLU B 256 5.94 1.13 7.62
CA GLU B 256 7.26 1.49 8.11
C GLU B 256 7.83 0.47 9.11
N PHE B 257 6.99 -0.04 10.00
CA PHE B 257 7.47 -0.90 11.06
C PHE B 257 7.85 -2.21 10.49
N LEU B 258 6.95 -2.79 9.72
CA LEU B 258 7.15 -4.13 9.17
C LEU B 258 8.34 -4.13 8.23
N THR B 259 8.53 -3.02 7.52
CA THR B 259 9.75 -2.85 6.71
C THR B 259 11.04 -2.75 7.55
N SER B 260 10.97 -2.12 8.70
CA SER B 260 12.13 -2.10 9.59
C SER B 260 12.46 -3.50 10.13
N GLN B 261 11.49 -4.42 10.06
CA GLN B 261 11.69 -5.83 10.45
C GLN B 261 12.03 -6.72 9.26
N LYS B 262 12.36 -6.10 8.12
CA LYS B 262 12.73 -6.84 6.90
C LYS B 262 11.60 -7.74 6.35
N PHE B 263 10.37 -7.27 6.46
CA PHE B 263 9.20 -7.89 5.81
C PHE B 263 9.18 -7.43 4.38
N VAL B 264 8.62 -8.23 3.49
CA VAL B 264 8.58 -7.91 2.08
C VAL B 264 7.14 -7.64 1.73
N GLU B 265 6.90 -6.53 1.05
CA GLU B 265 5.55 -6.15 0.69
C GLU B 265 5.24 -6.94 -0.56
N ILE B 266 4.05 -7.52 -0.63
CA ILE B 266 3.63 -8.27 -1.82
C ILE B 266 2.29 -7.81 -2.35
N HIS B 267 2.03 -8.14 -3.61
CA HIS B 267 0.79 -7.77 -4.27
C HIS B 267 0.29 -9.01 -4.97
N THR B 268 -0.81 -9.54 -4.48
CA THR B 268 -1.37 -10.79 -4.92
C THR B 268 -2.57 -10.42 -5.74
N PRO B 269 -2.96 -11.28 -6.69
CA PRO B 269 -4.07 -10.96 -7.59
C PRO B 269 -5.42 -10.84 -6.89
N LYS B 270 -6.23 -9.88 -7.33
CA LYS B 270 -7.60 -9.72 -6.86
C LYS B 270 -8.61 -10.37 -7.82
N LEU B 271 -8.28 -10.42 -9.11
CA LEU B 271 -9.10 -11.17 -10.08
C LEU B 271 -8.78 -12.68 -9.99
N ILE B 272 -9.38 -13.38 -9.04
CA ILE B 272 -9.03 -14.78 -8.74
C ILE B 272 -9.83 -15.80 -9.58
N TYR B 293 -13.51 -14.36 -10.39
CA TYR B 293 -14.05 -13.84 -9.15
C TYR B 293 -13.02 -12.95 -8.43
N LEU B 294 -13.48 -12.24 -7.40
CA LEU B 294 -12.63 -11.33 -6.63
C LEU B 294 -11.98 -12.03 -5.45
N ALA B 295 -10.93 -11.42 -4.91
CA ALA B 295 -10.22 -11.96 -3.75
C ALA B 295 -10.97 -11.53 -2.49
N GLN B 296 -11.75 -12.46 -1.93
CA GLN B 296 -12.44 -12.22 -0.66
C GLN B 296 -11.38 -11.93 0.38
N SER B 297 -10.50 -12.89 0.60
CA SER B 297 -9.37 -12.72 1.50
C SER B 297 -8.06 -12.96 0.69
N PRO B 298 -7.12 -12.01 0.75
CA PRO B 298 -5.79 -12.26 0.18
C PRO B 298 -4.97 -13.32 0.96
N GLN B 299 -5.66 -14.14 1.76
CA GLN B 299 -5.01 -15.14 2.57
C GLN B 299 -4.34 -16.25 1.79
N LEU B 300 -5.04 -16.84 0.84
CA LEU B 300 -4.47 -17.97 0.12
C LEU B 300 -3.11 -17.63 -0.47
N TYR B 301 -3.00 -16.53 -1.20
CA TYR B 301 -1.75 -16.15 -1.86
C TYR B 301 -0.66 -15.72 -0.91
N LYS B 302 -1.03 -15.01 0.16
CA LYS B 302 -0.11 -14.75 1.27
C LYS B 302 0.61 -16.01 1.70
N GLN B 303 -0.16 -17.09 1.95
CA GLN B 303 0.43 -18.35 2.37
C GLN B 303 1.33 -18.91 1.30
N MET B 304 0.94 -18.74 0.04
CA MET B 304 1.76 -19.25 -1.04
C MET B 304 3.06 -18.50 -1.18
N ALA B 305 3.06 -17.22 -0.82
CA ALA B 305 4.28 -16.44 -0.83
C ALA B 305 5.26 -17.01 0.22
N ILE B 306 4.74 -17.48 1.34
CA ILE B 306 5.59 -18.08 2.38
C ILE B 306 6.15 -19.43 1.91
N MET B 307 5.37 -20.20 1.17
CA MET B 307 5.86 -21.46 0.63
C MET B 307 6.84 -21.18 -0.51
N GLY B 308 6.96 -19.92 -0.91
CA GLY B 308 7.99 -19.47 -1.85
C GLY B 308 9.23 -18.89 -1.17
N ASP B 309 9.40 -19.22 0.10
CA ASP B 309 10.54 -18.82 0.91
C ASP B 309 10.70 -17.30 1.15
N PHE B 310 9.60 -16.55 1.08
CA PHE B 310 9.65 -15.10 1.31
C PHE B 310 9.80 -14.77 2.80
N ARG B 311 9.48 -15.73 3.66
CA ARG B 311 9.74 -15.64 5.11
C ARG B 311 8.81 -14.73 5.94
N LYS B 312 8.67 -13.49 5.51
CA LYS B 312 7.87 -12.51 6.21
C LYS B 312 7.31 -11.57 5.14
N VAL B 313 5.99 -11.55 5.02
CA VAL B 313 5.31 -10.75 4.03
C VAL B 313 4.12 -9.97 4.62
N PHE B 314 3.80 -8.85 3.97
CA PHE B 314 2.58 -8.14 4.24
C PHE B 314 2.00 -7.63 2.93
N GLU B 315 0.70 -7.36 2.95
CA GLU B 315 0.02 -6.77 1.82
C GLU B 315 -0.95 -5.69 2.34
N VAL B 316 -0.95 -4.54 1.71
CA VAL B 316 -1.98 -3.54 1.97
C VAL B 316 -2.82 -3.46 0.71
N GLY B 317 -4.06 -3.90 0.77
CA GLY B 317 -4.93 -3.97 -0.40
C GLY B 317 -6.40 -4.07 -0.07
N PRO B 318 -7.25 -4.07 -1.10
CA PRO B 318 -8.68 -4.14 -0.87
C PRO B 318 -9.14 -5.56 -0.59
N VAL B 319 -10.15 -5.66 0.28
CA VAL B 319 -10.72 -6.93 0.66
C VAL B 319 -12.22 -6.79 0.45
N PHE B 320 -12.82 -7.80 -0.19
CA PHE B 320 -14.21 -7.72 -0.65
C PHE B 320 -15.14 -8.69 0.07
N ARG B 321 -16.04 -8.14 0.86
CA ARG B 321 -17.02 -8.92 1.61
C ARG B 321 -18.27 -9.10 0.76
N ALA B 322 -18.36 -10.23 0.04
CA ALA B 322 -19.59 -10.56 -0.69
C ALA B 322 -20.80 -10.69 0.25
N GLU B 323 -20.53 -10.96 1.53
CA GLU B 323 -21.56 -11.03 2.57
C GLU B 323 -22.40 -9.74 2.60
N ASN B 324 -23.67 -9.83 2.25
CA ASN B 324 -24.57 -8.66 2.34
C ASN B 324 -24.82 -8.25 3.81
N SER B 325 -24.05 -7.25 4.26
CA SER B 325 -23.97 -6.90 5.70
C SER B 325 -24.01 -5.39 6.02
N ASN B 326 -25.18 -4.91 6.45
CA ASN B 326 -25.35 -3.52 6.94
C ASN B 326 -25.97 -3.43 8.35
N THR B 327 -25.09 -3.26 9.36
CA THR B 327 -25.50 -3.05 10.75
C THR B 327 -25.29 -1.57 11.13
N ARG B 328 -24.07 -1.24 11.54
CA ARG B 328 -23.57 0.16 11.59
C ARG B 328 -22.01 0.18 11.57
N ARG B 329 -21.40 -0.92 11.12
CA ARG B 329 -19.95 -1.12 11.27
C ARG B 329 -19.34 -2.11 10.25
N HIS B 330 -20.09 -2.46 9.21
CA HIS B 330 -19.61 -3.42 8.19
C HIS B 330 -20.05 -3.05 6.75
N LEU B 331 -19.18 -3.34 5.78
CA LEU B 331 -19.38 -2.99 4.36
C LEU B 331 -18.78 -4.04 3.41
N THR B 332 -19.24 -4.03 2.14
CA THR B 332 -18.84 -5.05 1.16
C THR B 332 -17.50 -4.77 0.44
N GLU B 333 -16.80 -3.71 0.84
CA GLU B 333 -15.43 -3.45 0.38
C GLU B 333 -14.71 -2.61 1.42
N PHE B 334 -13.52 -3.08 1.81
CA PHE B 334 -12.68 -2.33 2.74
C PHE B 334 -11.22 -2.55 2.42
N GLU B 335 -10.35 -1.82 3.12
CA GLU B 335 -8.90 -1.95 2.95
C GLU B 335 -8.27 -2.80 4.04
N GLY B 336 -7.59 -3.88 3.64
CA GLY B 336 -7.01 -4.79 4.59
C GLY B 336 -5.49 -4.69 4.69
N LEU B 337 -5.00 -4.71 5.92
CA LEU B 337 -3.59 -4.78 6.18
C LEU B 337 -3.32 -6.20 6.63
N ASP B 338 -2.58 -6.95 5.83
CA ASP B 338 -2.34 -8.36 6.08
C ASP B 338 -0.87 -8.66 6.31
N ILE B 339 -0.61 -9.61 7.22
CA ILE B 339 0.71 -10.12 7.57
C ILE B 339 0.74 -11.68 7.58
N GLU B 340 1.88 -12.24 7.18
CA GLU B 340 2.10 -13.68 7.22
C GLU B 340 3.61 -13.89 7.37
N MET B 341 4.00 -14.89 8.14
CA MET B 341 5.41 -15.11 8.45
C MET B 341 5.70 -16.55 8.81
N GLU B 342 6.92 -16.97 8.57
CA GLU B 342 7.40 -18.24 9.12
C GLU B 342 7.40 -18.17 10.63
N ILE B 343 7.40 -19.33 11.24
CA ILE B 343 7.18 -19.50 12.65
C ILE B 343 8.12 -20.60 13.01
N VAL B 344 8.94 -20.36 14.02
CA VAL B 344 10.04 -21.25 14.36
C VAL B 344 9.55 -22.22 15.40
N GLU B 345 9.51 -21.79 16.66
CA GLU B 345 9.04 -22.64 17.76
C GLU B 345 7.54 -22.58 17.99
N ASN B 346 6.96 -21.39 18.04
CA ASN B 346 5.59 -21.21 18.50
C ASN B 346 4.89 -20.03 17.83
N TYR B 347 3.59 -20.17 17.57
CA TYR B 347 2.82 -19.14 16.84
C TYR B 347 2.65 -17.85 17.64
N HIS B 348 2.97 -17.88 18.92
CA HIS B 348 2.98 -16.65 19.69
C HIS B 348 4.12 -15.73 19.22
N GLU B 349 5.07 -16.27 18.47
CA GLU B 349 6.08 -15.43 17.83
C GLU B 349 5.37 -14.40 16.96
N CYS B 350 4.27 -14.84 16.33
CA CYS B 350 3.49 -13.96 15.47
C CYS B 350 2.69 -12.95 16.26
N ILE B 351 2.14 -13.37 17.41
CA ILE B 351 1.40 -12.45 18.30
C ILE B 351 2.36 -11.39 18.83
N ASP B 352 3.60 -11.82 19.15
CA ASP B 352 4.65 -10.94 19.64
C ASP B 352 4.97 -9.82 18.62
N VAL B 353 4.97 -10.14 17.33
CA VAL B 353 5.22 -9.12 16.31
C VAL B 353 4.08 -8.10 16.24
N MET B 354 2.84 -8.58 16.37
CA MET B 354 1.67 -7.69 16.49
C MET B 354 1.78 -6.71 17.66
N GLU B 355 2.13 -7.21 18.85
CA GLU B 355 2.15 -6.32 19.98
C GLU B 355 3.14 -5.20 19.67
N LYS B 356 4.33 -5.58 19.25
CA LYS B 356 5.35 -4.62 18.86
C LYS B 356 4.78 -3.71 17.77
N LEU B 357 4.15 -4.32 16.78
CA LEU B 357 3.63 -3.60 15.60
C LEU B 357 2.60 -2.51 16.01
N PHE B 358 1.62 -2.90 16.82
CA PHE B 358 0.54 -1.99 17.20
C PHE B 358 1.03 -0.96 18.18
N THR B 359 1.91 -1.35 19.06
CA THR B 359 2.42 -0.40 20.05
C THR B 359 3.18 0.71 19.30
N PHE B 360 3.80 0.34 18.20
CA PHE B 360 4.51 1.31 17.39
C PHE B 360 3.50 2.26 16.77
N ILE B 361 2.47 1.73 16.13
CA ILE B 361 1.43 2.59 15.53
C ILE B 361 0.90 3.50 16.62
N PHE B 362 0.59 2.94 17.78
CA PHE B 362 -0.03 3.72 18.83
C PHE B 362 0.89 4.74 19.51
N ASP B 363 2.18 4.40 19.62
CA ASP B 363 3.18 5.29 20.22
C ASP B 363 3.42 6.48 19.29
N GLU B 364 3.62 6.17 18.02
CA GLU B 364 3.97 7.15 17.04
C GLU B 364 2.86 8.09 16.62
N ILE B 365 1.62 7.64 16.55
CA ILE B 365 0.54 8.52 16.08
C ILE B 365 0.45 9.86 16.84
N PRO B 366 0.44 9.84 18.17
CA PRO B 366 0.43 11.12 18.89
C PRO B 366 1.72 11.96 18.73
N LYS B 367 2.86 11.32 18.61
CA LYS B 367 4.09 12.07 18.39
C LYS B 367 4.04 12.81 17.07
N ARG B 368 3.48 12.17 16.03
CA ARG B 368 3.62 12.69 14.66
C ARG B 368 2.40 13.47 14.16
N PHE B 369 1.26 13.32 14.82
CA PHE B 369 0.04 14.01 14.43
C PHE B 369 -0.73 14.56 15.64
N PRO B 370 -0.05 15.28 16.55
CA PRO B 370 -0.72 15.88 17.70
C PRO B 370 -1.88 16.82 17.34
N ASP B 371 -1.69 17.71 16.37
CA ASP B 371 -2.74 18.66 16.00
C ASP B 371 -4.01 17.96 15.46
N GLU B 372 -3.82 16.93 14.65
CA GLU B 372 -4.95 16.21 14.05
C GLU B 372 -5.80 15.56 15.14
N LEU B 373 -5.16 14.88 16.08
CA LEU B 373 -5.83 14.38 17.27
C LEU B 373 -6.60 15.49 18.01
N LYS B 374 -5.96 16.64 18.19
CA LYS B 374 -6.61 17.78 18.85
C LYS B 374 -7.90 18.14 18.12
N VAL B 375 -7.83 18.24 16.80
CA VAL B 375 -8.97 18.68 15.98
C VAL B 375 -10.13 17.68 15.99
N ILE B 376 -9.80 16.40 16.02
CA ILE B 376 -10.81 15.35 15.99
C ILE B 376 -11.56 15.34 17.32
N ARG B 377 -10.84 15.56 18.40
CA ARG B 377 -11.43 15.46 19.74
C ARG B 377 -12.48 16.54 20.01
N LYS B 378 -12.33 17.71 19.38
CA LYS B 378 -13.34 18.75 19.50
C LYS B 378 -14.66 18.33 18.90
N GLN B 379 -14.63 17.74 17.71
CA GLN B 379 -15.86 17.26 17.04
C GLN B 379 -16.44 16.07 17.73
N TYR B 380 -15.57 15.08 17.99
CA TYR B 380 -15.98 13.78 18.47
C TYR B 380 -15.14 13.35 19.69
N PRO B 381 -15.57 13.78 20.88
CA PRO B 381 -14.76 13.56 22.06
C PRO B 381 -14.46 12.10 22.30
N PHE B 382 -13.26 11.81 22.75
CA PHE B 382 -12.85 10.46 23.09
C PHE B 382 -11.61 10.60 23.96
N GLU B 383 -11.36 9.64 24.85
CA GLU B 383 -10.10 9.66 25.62
C GLU B 383 -9.07 8.76 24.98
N ASP B 384 -7.81 9.14 25.14
CA ASP B 384 -6.73 8.46 24.45
C ASP B 384 -6.72 6.97 24.73
N LEU B 385 -6.52 6.18 23.68
CA LEU B 385 -6.46 4.74 23.84
C LEU B 385 -5.39 4.38 24.87
N ILE B 386 -5.74 3.48 25.76
CA ILE B 386 -4.79 2.83 26.65
C ILE B 386 -4.46 1.48 26.02
N TYR B 387 -3.20 1.26 25.68
CA TYR B 387 -2.76 0.07 25.00
C TYR B 387 -1.62 -0.68 25.69
N ARG B 388 -1.15 -0.19 26.84
CA ARG B 388 -0.29 -0.95 27.74
C ARG B 388 -1.02 -1.13 29.10
N PRO B 389 -1.10 -2.36 29.62
CA PRO B 389 -0.59 -3.59 29.08
C PRO B 389 -1.40 -4.06 27.90
N PHE B 390 -0.77 -4.85 27.04
CA PHE B 390 -1.46 -5.68 26.05
C PHE B 390 -1.87 -6.98 26.75
N LEU B 391 -3.14 -7.15 27.05
CA LEU B 391 -3.57 -8.33 27.77
C LEU B 391 -3.78 -9.50 26.85
N ARG B 392 -3.36 -10.69 27.29
CA ARG B 392 -3.62 -11.97 26.59
C ARG B 392 -4.49 -12.93 27.45
N LEU B 393 -5.71 -13.20 26.99
CA LEU B 393 -6.61 -14.17 27.56
C LEU B 393 -6.82 -15.29 26.54
N THR B 394 -7.40 -16.39 26.98
CA THR B 394 -7.88 -17.45 26.12
C THR B 394 -9.40 -17.35 25.97
N TYR B 395 -9.96 -17.99 24.95
CA TYR B 395 -11.42 -17.98 24.73
C TYR B 395 -12.12 -18.53 25.97
N LYS B 396 -11.60 -19.63 26.51
CA LYS B 396 -12.06 -20.21 27.77
C LYS B 396 -12.19 -19.23 28.92
N GLU B 397 -11.14 -18.45 29.17
CA GLU B 397 -11.12 -17.46 30.22
C GLU B 397 -12.17 -16.43 29.93
N ALA B 398 -12.31 -16.08 28.66
CA ALA B 398 -13.28 -15.05 28.25
C ALA B 398 -14.66 -15.55 28.57
N ILE B 399 -14.96 -16.79 28.19
CA ILE B 399 -16.27 -17.40 28.47
C ILE B 399 -16.52 -17.39 29.98
N GLU B 400 -15.46 -17.69 30.74
CA GLU B 400 -15.50 -17.72 32.20
C GLU B 400 -15.90 -16.36 32.76
N MET B 401 -15.32 -15.30 32.23
CA MET B 401 -15.68 -13.96 32.66
C MET B 401 -17.13 -13.62 32.35
N LEU B 402 -17.57 -13.88 31.11
CA LEU B 402 -18.94 -13.52 30.70
C LEU B 402 -19.99 -14.29 31.45
N ARG B 403 -19.78 -15.59 31.59
CA ARG B 403 -20.62 -16.42 32.47
C ARG B 403 -20.66 -15.84 33.86
N ALA B 404 -19.52 -15.42 34.41
CA ALA B 404 -19.53 -14.87 35.77
C ALA B 404 -20.31 -13.57 35.79
N SER B 405 -20.40 -12.90 34.65
CA SER B 405 -21.16 -11.66 34.48
C SER B 405 -22.64 -11.93 34.30
N GLY B 406 -23.02 -13.19 34.26
CA GLY B 406 -24.42 -13.57 34.09
C GLY B 406 -24.81 -14.12 32.72
N GLU B 407 -23.92 -14.08 31.73
CA GLU B 407 -24.30 -14.51 30.38
C GLU B 407 -24.34 -16.05 30.34
N THR B 408 -25.24 -16.63 29.54
CA THR B 408 -25.20 -18.06 29.23
C THR B 408 -24.71 -18.13 27.80
N ILE B 409 -23.64 -18.88 27.55
CA ILE B 409 -22.98 -18.80 26.26
C ILE B 409 -22.55 -20.12 25.62
N GLY B 410 -22.16 -21.12 26.38
CA GLY B 410 -21.76 -22.37 25.69
C GLY B 410 -20.35 -22.32 25.09
N ASP B 411 -19.62 -23.41 25.26
CA ASP B 411 -18.17 -23.40 25.09
C ASP B 411 -17.66 -22.92 23.74
N TYR B 412 -18.33 -23.26 22.64
CA TYR B 412 -17.78 -22.98 21.30
C TYR B 412 -18.56 -21.95 20.49
N ASP B 413 -19.32 -21.10 21.17
CA ASP B 413 -20.15 -20.10 20.50
C ASP B 413 -19.39 -18.81 20.14
N ASP B 414 -19.65 -18.30 18.95
CA ASP B 414 -19.26 -16.94 18.60
C ASP B 414 -19.93 -15.96 19.60
N PHE B 415 -19.31 -14.80 19.83
CA PHE B 415 -19.87 -13.82 20.74
C PHE B 415 -20.73 -12.87 19.98
N THR B 416 -21.86 -12.51 20.57
CA THR B 416 -22.70 -11.46 20.03
C THR B 416 -21.93 -10.15 20.24
N THR B 417 -22.29 -9.08 19.56
CA THR B 417 -21.53 -7.83 19.68
C THR B 417 -21.61 -7.24 21.09
N PRO B 418 -22.82 -7.18 21.65
CA PRO B 418 -22.97 -6.79 23.04
C PRO B 418 -22.08 -7.56 23.99
N GLN B 419 -21.85 -8.84 23.76
CA GLN B 419 -20.95 -9.62 24.62
C GLN B 419 -19.48 -9.19 24.51
N GLU B 420 -19.05 -8.79 23.32
CA GLU B 420 -17.68 -8.32 23.13
C GLU B 420 -17.43 -7.00 23.85
N VAL B 421 -18.40 -6.10 23.70
CA VAL B 421 -18.33 -4.83 24.34
C VAL B 421 -18.36 -5.02 25.84
N LYS B 422 -19.15 -5.99 26.28
CA LYS B 422 -19.24 -6.28 27.70
C LYS B 422 -17.89 -6.75 28.21
N LEU B 423 -17.30 -7.69 27.51
CA LEU B 423 -15.99 -8.19 27.88
C LEU B 423 -14.95 -7.06 27.86
N GLY B 424 -15.11 -6.13 26.95
CA GLY B 424 -14.26 -4.94 26.92
C GLY B 424 -14.36 -4.23 28.24
N GLU B 425 -15.58 -4.02 28.72
CA GLU B 425 -15.84 -3.33 29.98
C GLU B 425 -15.27 -4.12 31.17
N LEU B 426 -15.38 -5.44 31.12
CA LEU B 426 -14.80 -6.27 32.15
C LEU B 426 -13.30 -6.08 32.20
N ILE B 427 -12.67 -6.11 31.03
CA ILE B 427 -11.22 -6.02 30.95
C ILE B 427 -10.73 -4.63 31.37
N LYS B 428 -11.47 -3.59 30.97
CA LYS B 428 -11.07 -2.23 31.33
C LYS B 428 -11.06 -2.07 32.85
N ALA B 429 -12.07 -2.62 33.51
CA ALA B 429 -12.22 -2.47 34.96
C ALA B 429 -11.12 -3.22 35.69
N LYS B 430 -10.74 -4.40 35.22
CA LYS B 430 -9.78 -5.25 35.92
C LYS B 430 -8.30 -4.91 35.61
N TYR B 431 -7.94 -4.77 34.34
CA TYR B 431 -6.59 -4.48 33.92
C TYR B 431 -6.35 -3.05 33.45
N ASN B 432 -7.43 -2.29 33.22
CA ASN B 432 -7.36 -0.89 32.78
C ASN B 432 -6.56 -0.75 31.50
N THR B 433 -6.95 -1.54 30.49
CA THR B 433 -6.42 -1.43 29.13
C THR B 433 -7.60 -1.43 28.19
N ASP B 434 -7.43 -0.88 27.01
CA ASP B 434 -8.45 -0.92 25.93
C ASP B 434 -7.98 -1.90 24.87
N PHE B 435 -6.91 -2.62 25.15
CA PHE B 435 -6.24 -3.33 24.09
C PHE B 435 -5.90 -4.74 24.53
N TYR B 436 -6.49 -5.74 23.88
CA TYR B 436 -6.17 -7.11 24.25
C TYR B 436 -6.20 -8.08 23.11
N ILE B 437 -5.85 -9.34 23.41
CA ILE B 437 -5.90 -10.41 22.45
C ILE B 437 -6.57 -11.64 23.05
N LEU B 438 -7.57 -12.18 22.33
CA LEU B 438 -8.24 -13.44 22.71
C LEU B 438 -7.64 -14.57 21.93
N ASP B 439 -7.08 -15.54 22.64
CA ASP B 439 -6.35 -16.65 22.03
C ASP B 439 -7.18 -17.95 22.14
N LYS B 440 -6.84 -18.96 21.34
CA LYS B 440 -7.44 -20.31 21.40
C LYS B 440 -8.94 -20.37 21.12
N PHE B 441 -9.35 -19.88 19.95
CA PHE B 441 -10.77 -19.92 19.61
C PHE B 441 -11.15 -21.33 19.29
N PRO B 442 -12.44 -21.64 19.43
CA PRO B 442 -13.05 -22.88 18.98
C PRO B 442 -12.83 -23.12 17.48
N ALA B 443 -12.35 -24.33 17.16
CA ALA B 443 -12.20 -24.80 15.78
C ALA B 443 -13.46 -24.56 14.97
N ALA B 444 -14.61 -24.85 15.57
CA ALA B 444 -15.87 -24.84 14.83
C ALA B 444 -16.21 -23.45 14.24
N ILE B 445 -15.67 -22.40 14.84
CA ILE B 445 -15.89 -21.03 14.37
C ILE B 445 -14.81 -20.52 13.41
N ARG B 446 -13.72 -21.26 13.25
CA ARG B 446 -12.61 -20.82 12.43
C ARG B 446 -12.49 -21.65 11.15
N PRO B 447 -11.80 -21.11 10.14
CA PRO B 447 -11.76 -21.82 8.86
C PRO B 447 -10.88 -23.06 8.86
N PHE B 448 -11.00 -23.81 7.77
CA PHE B 448 -10.41 -25.14 7.65
C PHE B 448 -8.90 -25.15 7.56
N TYR B 449 -8.30 -24.01 7.21
CA TYR B 449 -6.85 -23.89 7.23
C TYR B 449 -6.28 -23.64 8.62
N THR B 450 -7.11 -23.50 9.64
CA THR B 450 -6.61 -23.18 10.96
C THR B 450 -5.97 -24.38 11.68
N MET B 451 -4.77 -24.19 12.23
CA MET B 451 -4.07 -25.27 12.94
C MET B 451 -4.73 -25.52 14.29
N PRO B 452 -5.18 -26.75 14.53
CA PRO B 452 -5.82 -27.04 15.79
C PRO B 452 -4.85 -27.09 16.96
N ASP B 453 -5.37 -26.88 18.15
CA ASP B 453 -4.58 -26.96 19.37
C ASP B 453 -4.29 -28.41 19.67
N ILE B 454 -3.07 -28.71 20.09
CA ILE B 454 -2.63 -30.08 20.32
C ILE B 454 -3.39 -30.75 21.46
N ASP B 455 -3.73 -29.98 22.49
CA ASP B 455 -4.42 -30.54 23.67
C ASP B 455 -5.88 -30.82 23.46
N ASP B 456 -6.51 -30.02 22.61
CA ASP B 456 -7.95 -30.11 22.37
C ASP B 456 -8.32 -29.63 20.95
N PRO B 457 -8.59 -30.57 20.03
CA PRO B 457 -8.88 -30.18 18.64
C PRO B 457 -10.17 -29.39 18.50
N ASN B 458 -11.00 -29.35 19.54
CA ASN B 458 -12.15 -28.45 19.54
C ASN B 458 -11.73 -26.97 19.65
N TYR B 459 -10.48 -26.71 19.99
CA TYR B 459 -9.87 -25.36 19.94
C TYR B 459 -8.82 -25.31 18.86
N SER B 460 -8.26 -24.13 18.63
CA SER B 460 -7.33 -23.95 17.54
C SER B 460 -6.32 -22.87 17.84
N ASN B 461 -5.25 -22.84 17.04
CA ASN B 461 -4.20 -21.88 17.17
C ASN B 461 -4.56 -20.60 16.40
N SER B 462 -5.58 -19.94 16.92
CA SER B 462 -6.07 -18.68 16.38
C SER B 462 -6.46 -17.69 17.48
N TYR B 463 -6.62 -16.44 17.07
CA TYR B 463 -6.72 -15.28 17.95
C TYR B 463 -7.39 -14.09 17.28
N ASP B 464 -8.04 -13.29 18.10
CA ASP B 464 -8.61 -12.02 17.65
C ASP B 464 -8.06 -10.96 18.55
N VAL B 465 -7.88 -9.78 17.99
CA VAL B 465 -7.30 -8.66 18.71
C VAL B 465 -8.39 -7.63 18.73
N PHE B 466 -8.49 -6.93 19.85
CA PHE B 466 -9.60 -6.04 20.15
C PHE B 466 -9.10 -4.66 20.59
N VAL B 467 -9.76 -3.63 20.08
CA VAL B 467 -9.54 -2.27 20.52
C VAL B 467 -10.89 -1.66 20.89
N ARG B 468 -10.97 -1.12 22.12
CA ARG B 468 -12.18 -0.64 22.75
C ARG B 468 -13.27 -1.72 22.73
N GLY B 469 -12.87 -2.91 23.14
CA GLY B 469 -13.79 -4.03 23.21
C GLY B 469 -14.38 -4.47 21.89
N GLN B 470 -13.72 -4.17 20.78
CA GLN B 470 -14.20 -4.54 19.44
C GLN B 470 -13.08 -5.00 18.53
N GLU B 471 -13.39 -5.99 17.70
CA GLU B 471 -12.41 -6.62 16.84
C GLU B 471 -11.85 -5.69 15.76
N ILE B 472 -10.53 -5.65 15.67
CA ILE B 472 -9.79 -5.02 14.57
C ILE B 472 -9.00 -6.00 13.69
N THR B 473 -8.64 -7.15 14.20
CA THR B 473 -7.95 -8.13 13.39
C THR B 473 -8.22 -9.53 13.87
N SER B 474 -7.85 -10.48 13.04
CA SER B 474 -8.10 -11.89 13.26
C SER B 474 -6.97 -12.65 12.59
N GLY B 475 -6.47 -13.70 13.21
CA GLY B 475 -5.29 -14.39 12.71
C GLY B 475 -5.12 -15.78 13.25
N ALA B 476 -4.14 -16.52 12.73
CA ALA B 476 -3.97 -17.93 13.14
C ALA B 476 -2.68 -18.56 12.64
N GLN B 477 -2.17 -19.56 13.38
CA GLN B 477 -1.27 -20.51 12.73
C GLN B 477 -2.11 -21.33 11.76
N ARG B 478 -1.53 -21.64 10.60
CA ARG B 478 -2.23 -22.33 9.52
C ARG B 478 -1.62 -23.68 9.20
N ILE B 479 -2.41 -24.52 8.53
CA ILE B 479 -2.00 -25.92 8.34
C ILE B 479 -1.11 -26.00 7.14
N HIS B 480 0.11 -26.49 7.32
CA HIS B 480 1.14 -26.55 6.26
C HIS B 480 1.46 -27.97 5.78
N ASP B 481 0.76 -28.98 6.36
CA ASP B 481 0.88 -30.40 5.96
C ASP B 481 -0.26 -30.70 5.01
N PRO B 482 0.06 -31.12 3.78
CA PRO B 482 -1.05 -31.26 2.83
C PRO B 482 -2.06 -32.35 3.18
N GLU B 483 -1.63 -33.52 3.64
CA GLU B 483 -2.61 -34.57 3.95
C GLU B 483 -3.57 -34.04 5.01
N PHE B 484 -3.04 -33.51 6.10
CA PHE B 484 -3.92 -33.05 7.16
C PHE B 484 -4.78 -31.85 6.76
N LEU B 485 -4.24 -30.98 5.91
CA LEU B 485 -4.95 -29.80 5.46
C LEU B 485 -6.16 -30.28 4.70
N MET B 486 -5.92 -31.26 3.84
CA MET B 486 -6.98 -31.91 3.09
C MET B 486 -7.98 -32.69 3.96
N LYS B 487 -7.52 -33.30 5.05
CA LYS B 487 -8.47 -33.97 5.96
C LYS B 487 -9.44 -32.94 6.55
N ARG B 488 -8.91 -31.79 6.97
CA ARG B 488 -9.72 -30.76 7.61
C ARG B 488 -10.63 -30.11 6.60
N CYS B 489 -10.10 -29.96 5.39
CA CYS B 489 -10.82 -29.37 4.28
C CYS B 489 -12.06 -30.18 3.97
N ILE B 490 -11.96 -31.50 4.07
CA ILE B 490 -13.12 -32.38 3.95
C ILE B 490 -14.03 -32.34 5.19
N GLU B 491 -13.47 -32.30 6.39
CA GLU B 491 -14.28 -32.18 7.62
C GLU B 491 -15.12 -30.89 7.69
N LYS B 492 -14.68 -29.82 7.05
CA LYS B 492 -15.45 -28.58 7.01
C LYS B 492 -16.32 -28.55 5.73
N GLY B 493 -16.43 -29.70 5.08
CA GLY B 493 -17.24 -29.83 3.88
C GLY B 493 -16.79 -28.87 2.81
N VAL B 494 -15.56 -29.02 2.37
CA VAL B 494 -15.00 -28.15 1.34
C VAL B 494 -14.35 -29.04 0.31
N ASP B 495 -14.62 -28.80 -0.96
CA ASP B 495 -14.08 -29.67 -1.99
C ASP B 495 -12.62 -29.35 -2.20
N PRO B 496 -11.73 -30.32 -1.93
CA PRO B 496 -10.31 -30.04 -2.20
C PRO B 496 -10.10 -29.68 -3.66
N ALA B 497 -10.87 -30.32 -4.54
CA ALA B 497 -10.76 -30.01 -5.98
C ALA B 497 -10.90 -28.49 -6.22
N THR B 498 -11.79 -27.86 -5.45
CA THR B 498 -12.01 -26.43 -5.56
C THR B 498 -10.73 -25.61 -5.46
N LEU B 499 -9.75 -26.10 -4.69
CA LEU B 499 -8.48 -25.37 -4.50
C LEU B 499 -7.24 -26.29 -4.58
N LYS B 500 -7.16 -27.02 -5.69
CA LYS B 500 -6.08 -27.95 -5.96
C LYS B 500 -4.74 -27.24 -5.80
N ASP B 501 -4.52 -26.23 -6.61
CA ASP B 501 -3.21 -25.55 -6.62
C ASP B 501 -2.76 -25.07 -5.23
N TYR B 502 -3.69 -24.58 -4.43
CA TYR B 502 -3.35 -24.13 -3.08
C TYR B 502 -2.86 -25.30 -2.24
N ILE B 503 -3.64 -26.36 -2.22
CA ILE B 503 -3.30 -27.54 -1.43
C ILE B 503 -1.99 -28.15 -1.92
N GLU B 504 -1.85 -28.26 -3.23
CA GLU B 504 -0.69 -28.90 -3.80
C GLU B 504 0.60 -28.08 -3.57
N SER B 505 0.45 -26.79 -3.32
CA SER B 505 1.60 -25.94 -3.12
C SER B 505 2.32 -26.22 -1.79
N PHE B 506 1.72 -27.00 -0.91
CA PHE B 506 2.32 -27.31 0.39
C PHE B 506 3.06 -28.64 0.39
N ARG B 507 3.28 -29.22 -0.78
CA ARG B 507 3.74 -30.60 -0.84
C ARG B 507 5.22 -30.76 -0.74
N PHE B 508 5.97 -29.70 -0.96
CA PHE B 508 7.42 -29.84 -1.20
C PHE B 508 8.22 -29.15 -0.15
N GLY B 509 7.92 -29.50 1.10
CA GLY B 509 8.57 -28.90 2.24
C GLY B 509 7.87 -27.58 2.47
N SER B 510 7.38 -27.39 3.69
CA SER B 510 6.40 -26.37 3.95
C SER B 510 6.65 -25.80 5.34
N TRP B 511 7.01 -24.52 5.42
CA TRP B 511 7.34 -23.84 6.70
C TRP B 511 6.15 -23.74 7.63
N PRO B 512 6.32 -24.05 8.92
CA PRO B 512 5.26 -23.67 9.87
C PRO B 512 5.03 -22.15 9.83
N HIS B 513 3.77 -21.72 9.77
CA HIS B 513 3.50 -20.29 9.59
C HIS B 513 2.23 -19.79 10.21
N ALA B 514 2.17 -18.47 10.41
CA ALA B 514 1.01 -17.78 10.96
C ALA B 514 0.95 -16.35 10.45
N GLY B 515 -0.12 -15.65 10.79
CA GLY B 515 -0.37 -14.30 10.27
C GLY B 515 -1.63 -13.59 10.74
N CYS B 516 -2.05 -12.58 9.98
CA CYS B 516 -3.01 -11.59 10.41
C CYS B 516 -3.79 -10.97 9.33
N GLY B 517 -5.04 -10.64 9.62
CA GLY B 517 -5.83 -9.74 8.75
C GLY B 517 -6.38 -8.56 9.54
N ILE B 518 -5.95 -7.35 9.21
CA ILE B 518 -6.41 -6.17 9.93
C ILE B 518 -7.33 -5.35 9.04
N GLY B 519 -8.35 -4.73 9.61
CA GLY B 519 -9.17 -3.80 8.85
C GLY B 519 -8.64 -2.39 9.08
N LEU B 520 -8.25 -1.68 8.03
CA LEU B 520 -7.75 -0.35 8.20
C LEU B 520 -8.84 0.49 8.79
N GLU B 521 -9.95 0.63 8.09
CA GLU B 521 -11.08 1.43 8.56
C GLU B 521 -11.45 1.14 10.03
N ARG B 522 -11.30 -0.12 10.40
CA ARG B 522 -11.70 -0.62 11.71
C ARG B 522 -10.74 -0.13 12.80
N ILE B 523 -9.46 -0.30 12.54
CA ILE B 523 -8.45 0.13 13.49
C ILE B 523 -8.49 1.66 13.72
N THR B 524 -8.75 2.43 12.67
CA THR B 524 -8.76 3.88 12.79
C THR B 524 -10.02 4.38 13.49
N MET B 525 -11.14 3.80 13.13
CA MET B 525 -12.41 4.02 13.81
C MET B 525 -12.33 3.73 15.30
N LEU B 526 -11.84 2.54 15.64
CA LEU B 526 -11.74 2.17 17.02
C LEU B 526 -10.64 2.94 17.74
N TYR B 527 -9.57 3.31 17.04
CA TYR B 527 -8.54 4.11 17.65
C TYR B 527 -9.11 5.44 18.15
N LEU B 528 -9.92 6.10 17.32
CA LEU B 528 -10.45 7.44 17.62
C LEU B 528 -11.81 7.41 18.37
N GLY B 529 -12.29 6.22 18.73
CA GLY B 529 -13.58 6.08 19.42
C GLY B 529 -14.78 6.54 18.62
N ILE B 530 -14.68 6.53 17.29
CA ILE B 530 -15.78 6.94 16.39
C ILE B 530 -16.72 5.76 16.16
N PRO B 531 -18.04 5.97 16.31
CA PRO B 531 -18.94 4.81 16.33
C PRO B 531 -19.33 4.27 14.94
N ASN B 532 -19.41 5.14 13.93
CA ASN B 532 -19.83 4.74 12.56
C ASN B 532 -18.65 4.54 11.60
N ILE B 533 -18.54 3.37 10.97
CA ILE B 533 -17.41 3.07 10.06
C ILE B 533 -17.38 3.94 8.84
N ARG B 534 -18.52 4.48 8.46
CA ARG B 534 -18.62 5.35 7.29
C ARG B 534 -17.92 6.70 7.48
N LYS B 535 -17.75 7.12 8.73
CA LYS B 535 -17.02 8.36 8.99
C LYS B 535 -15.55 8.15 8.75
N VAL B 536 -15.15 6.91 8.63
CA VAL B 536 -13.74 6.57 8.54
C VAL B 536 -13.43 5.91 7.19
N THR B 537 -14.37 5.93 6.25
CA THR B 537 -14.08 5.52 4.90
C THR B 537 -14.28 6.74 3.98
N LEU B 538 -13.37 6.88 3.03
CA LEU B 538 -13.22 8.10 2.28
C LEU B 538 -14.40 8.32 1.35
N PHE B 539 -14.71 7.32 0.54
CA PHE B 539 -15.86 7.42 -0.37
C PHE B 539 -16.75 6.23 -0.07
N PRO B 540 -17.62 6.38 0.94
CA PRO B 540 -18.41 5.31 1.52
C PRO B 540 -19.06 4.36 0.52
N ARG B 541 -18.77 3.07 0.72
CA ARG B 541 -19.19 2.00 -0.19
C ARG B 541 -20.04 0.95 0.56
N ASP B 542 -21.16 0.59 -0.08
CA ASP B 542 -22.08 -0.50 0.38
C ASP B 542 -23.10 -0.87 -0.73
N PRO B 543 -23.92 -1.93 -0.52
CA PRO B 543 -24.86 -2.32 -1.58
C PRO B 543 -25.95 -1.27 -1.87
N ILE B 544 -26.32 -0.46 -0.87
CA ILE B 544 -27.31 0.63 -1.09
C ILE B 544 -26.69 1.93 -1.62
N ARG B 545 -25.35 2.03 -1.59
CA ARG B 545 -24.60 3.26 -1.93
C ARG B 545 -23.33 2.97 -2.76
N LEU B 546 -23.44 3.03 -4.08
CA LEU B 546 -22.30 2.93 -5.00
C LEU B 546 -21.89 4.37 -5.39
N ASN B 547 -22.89 5.20 -5.70
CA ASN B 547 -22.71 6.66 -5.81
C ASN B 547 -22.55 7.26 -4.39
N PRO B 548 -21.47 8.03 -4.15
CA PRO B 548 -20.51 8.66 -5.07
C PRO B 548 -19.49 7.69 -5.70
#